data_7RCZ
#
_entry.id   7RCZ
#
_cell.length_a   76.640
_cell.length_b   95.620
_cell.length_c   176.770
_cell.angle_alpha   90.000
_cell.angle_beta   90.000
_cell.angle_gamma   90.000
#
_symmetry.space_group_name_H-M   'P 21 21 21'
#
loop_
_entity.id
_entity.type
_entity.pdbx_description
1 polymer 'Stage V sporulation protein D (Sporulation specific penicillin-binding protein)'
2 non-polymer 'SULFATE ION'
3 non-polymer '4-(2-HYDROXYETHYL)-1-PIPERAZINE ETHANESULFONIC ACID'
4 non-polymer N-PROPANOL
5 non-polymer DI(HYDROXYETHYL)ETHER
6 non-polymer 'ZINC ION'
7 non-polymer '(2R,4S)-2-[(R)-{[(2R)-2-amino-2-phenylacetyl]amino}(carboxy)methyl]-5,5-dimethyl-1,3-thiazolidine-4-carboxylic acid'
8 water water
#
_entity_poly.entity_id   1
_entity_poly.type   'polypeptide(L)'
_entity_poly.pdbx_seq_one_letter_code
;GNWLSTKALEQQTRDIPIEPKRGTIYDRNMKELAVSVTKYTVWCKPVEVEDKKEAAEKVAEILDEDYKDIYALISKKNMA
LVKVKRWIDDDKASQIRDAKLSGIWVAEDNQRYYPYGNFAPYVLGHTSSDATGISGVEMQYDKKLKGKPGKLIVSTDASG
REIPQGMEKYYEPVQGNGLVLSIDEVIQHYTEKAVQKAYELNNAKKVTAIAMNPKTGDILALASKPDYDPNDSRTPIYPY
YQEELEKYNDKDKIKGYYQMWRNPAVSDTYEPGSTFKLITSSSALEEGVIKDGEKFTCTGSVTVGGRKIKCWRHYRPHGT
QEFKQAVQNSCNPVFVELGSRLGVGKMYDYIESFGLMDKTGIDLPGEAKGILYNEKNVGPVELATISFGQSISVTPIQLI
TAISSIANGGDLMQPRVVKSYTDNKGNITETVKPKKVRSVISKETSKKMLEIAESVVTEGGGKIAYIPGYRLGGKTGTAQ
KVIDGKYAPGKYICSFVGIAPCDDPQIVVLAIVDEPTGVSAFGSTTAGPIVKEIMNDSLKYLGVKPVY
;
_entity_poly.pdbx_strand_id   A,B
#
loop_
_chem_comp.id
_chem_comp.type
_chem_comp.name
_chem_comp.formula
EPE non-polymer '4-(2-HYDROXYETHYL)-1-PIPERAZINE ETHANESULFONIC ACID' 'C8 H18 N2 O4 S'
PEG non-polymer DI(HYDROXYETHYL)ETHER 'C4 H10 O3'
POL non-polymer N-PROPANOL 'C3 H8 O'
SO4 non-polymer 'SULFATE ION' 'O4 S -2'
ZN non-polymer 'ZINC ION' 'Zn 2'
ZZ7 non-polymer '(2R,4S)-2-[(R)-{[(2R)-2-amino-2-phenylacetyl]amino}(carboxy)methyl]-5,5-dimethyl-1,3-thiazolidine-4-carboxylic acid' 'C16 H21 N3 O5 S'
#
# COMPACT_ATOMS: atom_id res chain seq x y z
N GLU A 19 -0.43 30.80 22.04
CA GLU A 19 0.15 29.45 21.73
C GLU A 19 -0.72 28.82 20.66
N PRO A 20 -0.16 28.46 19.48
CA PRO A 20 -0.97 27.85 18.43
C PRO A 20 -1.13 26.33 18.64
N LYS A 21 -2.27 25.79 18.26
CA LYS A 21 -2.53 24.34 18.24
C LYS A 21 -1.46 23.64 17.37
N ARG A 22 -0.96 22.49 17.84
CA ARG A 22 -0.11 21.57 17.06
C ARG A 22 -0.96 20.84 16.01
N GLY A 23 -0.32 20.39 14.94
CA GLY A 23 -0.98 19.54 13.93
C GLY A 23 -1.43 18.24 14.54
N THR A 24 -2.53 17.70 14.03
CA THR A 24 -3.07 16.37 14.40
C THR A 24 -2.18 15.24 13.84
N ILE A 25 -1.93 14.21 14.65
CA ILE A 25 -1.22 12.96 14.26
C ILE A 25 -2.31 11.90 14.12
N TYR A 26 -2.42 11.33 12.93
CA TYR A 26 -3.44 10.35 12.51
C TYR A 26 -2.75 8.99 12.38
N ASP A 27 -3.53 7.94 12.59
CA ASP A 27 -3.15 6.56 12.19
C ASP A 27 -3.41 6.47 10.68
N ARG A 28 -3.15 5.32 10.09
CA ARG A 28 -3.16 5.18 8.62
C ARG A 28 -4.59 5.19 8.09
N ASN A 29 -5.60 5.02 8.94
CA ASN A 29 -7.03 5.17 8.56
C ASN A 29 -7.57 6.54 8.98
N MET A 30 -6.67 7.49 9.26
CA MET A 30 -7.03 8.89 9.60
C MET A 30 -7.88 8.92 10.88
N LYS A 31 -7.72 7.98 11.82
CA LYS A 31 -8.18 8.14 13.22
C LYS A 31 -7.20 9.07 13.94
N GLU A 32 -7.71 9.99 14.72
CA GLU A 32 -6.89 10.95 15.50
C GLU A 32 -6.20 10.21 16.64
N LEU A 33 -4.86 10.33 16.73
CA LEU A 33 -4.06 9.74 17.82
C LEU A 33 -3.59 10.85 18.76
N ALA A 34 -3.35 12.05 18.24
CA ALA A 34 -2.89 13.23 19.01
C ALA A 34 -3.52 14.45 18.40
N VAL A 35 -4.22 15.24 19.23
CA VAL A 35 -4.99 16.43 18.76
C VAL A 35 -4.94 17.55 19.83
N SER A 36 -4.62 18.75 19.36
CA SER A 36 -4.61 19.99 20.17
C SER A 36 -6.04 20.51 20.25
N VAL A 37 -6.62 20.54 21.45
CA VAL A 37 -8.02 21.01 21.69
C VAL A 37 -7.98 22.18 22.67
N THR A 38 -8.75 23.23 22.34
CA THR A 38 -8.96 24.47 23.15
C THR A 38 -9.74 24.09 24.42
N LYS A 39 -9.07 24.14 25.57
CA LYS A 39 -9.75 23.87 26.86
C LYS A 39 -9.58 25.12 27.75
N TYR A 40 -10.12 25.04 28.96
CA TYR A 40 -10.04 26.09 30.00
C TYR A 40 -9.34 25.49 31.22
N THR A 41 -8.47 26.26 31.84
CA THR A 41 -7.79 25.89 33.11
C THR A 41 -8.30 26.85 34.20
N VAL A 42 -8.58 26.34 35.39
CA VAL A 42 -8.97 27.14 36.59
C VAL A 42 -7.70 27.61 37.29
N TRP A 43 -7.52 28.93 37.41
CA TRP A 43 -6.38 29.59 38.09
C TRP A 43 -6.83 30.27 39.38
N CYS A 44 -5.91 30.44 40.32
CA CYS A 44 -6.16 31.07 41.62
C CYS A 44 -4.92 31.84 42.09
N LYS A 45 -5.12 33.08 42.57
CA LYS A 45 -4.16 33.82 43.43
C LYS A 45 -4.64 33.72 44.87
N PRO A 46 -4.07 32.84 45.73
CA PRO A 46 -4.49 32.71 47.13
C PRO A 46 -4.84 34.00 47.88
N VAL A 47 -3.96 35.02 47.83
CA VAL A 47 -4.11 36.32 48.56
C VAL A 47 -5.40 37.01 48.10
N GLU A 48 -5.83 36.81 46.85
CA GLU A 48 -6.98 37.57 46.30
C GLU A 48 -8.29 36.82 46.59
N VAL A 49 -8.23 35.71 47.35
CA VAL A 49 -9.46 34.90 47.69
C VAL A 49 -9.96 35.35 49.06
N GLU A 50 -11.08 36.09 49.08
CA GLU A 50 -11.75 36.63 50.29
C GLU A 50 -12.01 35.50 51.30
N ASP A 51 -12.89 34.54 50.97
CA ASP A 51 -13.33 33.46 51.90
C ASP A 51 -12.94 32.13 51.27
N LYS A 52 -11.83 31.54 51.74
CA LYS A 52 -11.16 30.38 51.13
C LYS A 52 -12.02 29.11 51.30
N LYS A 53 -12.66 28.94 52.45
CA LYS A 53 -13.53 27.76 52.65
C LYS A 53 -14.71 27.86 51.68
N GLU A 54 -15.24 29.07 51.50
CA GLU A 54 -16.42 29.35 50.65
C GLU A 54 -16.07 29.10 49.18
N ALA A 55 -14.96 29.66 48.70
CA ALA A 55 -14.49 29.50 47.30
C ALA A 55 -14.22 28.00 47.02
N ALA A 56 -13.41 27.36 47.86
CA ALA A 56 -13.06 25.92 47.72
C ALA A 56 -14.34 25.11 47.55
N GLU A 57 -15.39 25.42 48.32
CA GLU A 57 -16.63 24.60 48.31
C GLU A 57 -17.38 24.80 46.99
N LYS A 58 -17.45 26.04 46.50
CA LYS A 58 -18.11 26.42 45.23
C LYS A 58 -17.36 25.79 44.03
N VAL A 59 -16.05 26.00 43.95
CA VAL A 59 -15.16 25.43 42.88
C VAL A 59 -15.27 23.89 42.95
N ALA A 60 -15.09 23.30 44.13
CA ALA A 60 -15.10 21.84 44.32
C ALA A 60 -16.41 21.27 43.79
N GLU A 61 -17.54 21.92 44.04
CA GLU A 61 -18.85 21.38 43.62
C GLU A 61 -18.96 21.48 42.09
N ILE A 62 -18.57 22.62 41.52
CA ILE A 62 -18.59 22.86 40.05
C ILE A 62 -17.71 21.80 39.38
N LEU A 63 -16.46 21.64 39.83
CA LEU A 63 -15.43 20.79 39.17
C LEU A 63 -15.67 19.31 39.47
N ASP A 64 -16.43 18.98 40.53
CA ASP A 64 -16.66 17.60 41.03
C ASP A 64 -15.32 17.07 41.55
N GLU A 65 -14.75 17.78 42.53
CA GLU A 65 -13.52 17.41 43.29
C GLU A 65 -13.82 17.47 44.80
N ASP A 66 -13.06 16.73 45.61
CA ASP A 66 -13.21 16.77 47.08
C ASP A 66 -12.83 18.17 47.58
N TYR A 67 -13.67 18.73 48.46
CA TYR A 67 -13.44 20.02 49.17
C TYR A 67 -11.98 20.13 49.62
N LYS A 68 -11.49 19.12 50.35
CA LYS A 68 -10.19 19.20 51.07
C LYS A 68 -9.06 19.34 50.03
N ASP A 69 -9.22 18.76 48.84
CA ASP A 69 -8.19 18.83 47.76
C ASP A 69 -8.18 20.25 47.15
N ILE A 70 -9.37 20.79 46.83
CA ILE A 70 -9.50 22.16 46.26
C ILE A 70 -9.08 23.18 47.34
N TYR A 71 -9.40 22.93 48.60
CA TYR A 71 -9.01 23.82 49.73
C TYR A 71 -7.49 23.85 49.86
N ALA A 72 -6.85 22.68 49.74
CA ALA A 72 -5.37 22.53 49.85
C ALA A 72 -4.69 23.33 48.73
N LEU A 73 -5.31 23.41 47.57
CA LEU A 73 -4.74 24.13 46.40
C LEU A 73 -4.85 25.65 46.64
N ILE A 74 -6.03 26.15 47.04
CA ILE A 74 -6.26 27.62 47.08
C ILE A 74 -5.73 28.20 48.40
N SER A 75 -5.34 27.36 49.36
CA SER A 75 -4.74 27.76 50.67
C SER A 75 -3.21 27.81 50.60
N LYS A 76 -2.62 27.36 49.49
CA LYS A 76 -1.14 27.25 49.33
C LYS A 76 -0.41 28.52 49.75
N LYS A 77 0.68 28.35 50.48
CA LYS A 77 1.46 29.52 50.96
C LYS A 77 2.67 29.78 50.06
N ASN A 78 3.00 31.06 49.92
CA ASN A 78 4.21 31.58 49.22
C ASN A 78 4.17 31.31 47.71
N MET A 79 3.10 30.68 47.21
CA MET A 79 2.89 30.48 45.75
C MET A 79 1.86 31.53 45.30
N ALA A 80 2.28 32.52 44.52
CA ALA A 80 1.47 33.69 44.13
C ALA A 80 0.38 33.30 43.12
N LEU A 81 0.63 32.25 42.34
CA LEU A 81 -0.26 31.80 41.23
C LEU A 81 -0.37 30.27 41.25
N VAL A 82 -1.57 29.73 41.46
CA VAL A 82 -1.84 28.27 41.59
C VAL A 82 -2.76 27.81 40.46
N LYS A 83 -2.39 26.73 39.76
CA LYS A 83 -3.27 25.99 38.82
C LYS A 83 -4.20 25.10 39.64
N VAL A 84 -5.52 25.32 39.56
CA VAL A 84 -6.50 24.55 40.37
C VAL A 84 -6.86 23.26 39.63
N LYS A 85 -7.10 23.34 38.31
CA LYS A 85 -7.38 22.17 37.45
C LYS A 85 -7.19 22.53 35.97
N ARG A 86 -6.35 21.77 35.27
CA ARG A 86 -6.08 21.92 33.82
C ARG A 86 -7.20 21.26 33.02
N TRP A 87 -7.50 21.87 31.88
CA TRP A 87 -8.39 21.36 30.82
C TRP A 87 -9.75 20.88 31.26
N ILE A 88 -10.53 21.83 31.72
CA ILE A 88 -11.96 21.59 32.05
C ILE A 88 -12.78 21.92 30.80
N ASP A 89 -13.96 21.31 30.66
CA ASP A 89 -14.86 21.54 29.50
C ASP A 89 -15.50 22.93 29.67
N ASP A 90 -16.18 23.40 28.62
CA ASP A 90 -16.67 24.80 28.47
C ASP A 90 -17.80 25.05 29.47
N ASP A 91 -18.63 24.03 29.72
CA ASP A 91 -19.80 24.07 30.64
C ASP A 91 -19.33 24.42 32.06
N LYS A 92 -18.32 23.70 32.56
CA LYS A 92 -17.79 23.86 33.94
C LYS A 92 -17.01 25.17 34.02
N ALA A 93 -16.35 25.59 32.95
CA ALA A 93 -15.60 26.87 32.90
C ALA A 93 -16.56 28.06 32.98
N SER A 94 -17.77 27.92 32.43
CA SER A 94 -18.83 28.95 32.45
C SER A 94 -19.40 29.08 33.87
N GLN A 95 -19.58 27.96 34.57
CA GLN A 95 -20.01 27.94 35.99
C GLN A 95 -18.96 28.69 36.83
N ILE A 96 -17.66 28.48 36.59
CA ILE A 96 -16.58 29.15 37.36
C ILE A 96 -16.72 30.67 37.16
N ARG A 97 -16.68 31.14 35.90
CA ARG A 97 -16.81 32.58 35.53
C ARG A 97 -18.02 33.16 36.28
N ASP A 98 -19.18 32.52 36.13
CA ASP A 98 -20.49 33.06 36.58
C ASP A 98 -20.61 32.94 38.11
N ALA A 99 -19.72 32.18 38.77
CA ALA A 99 -19.58 32.13 40.23
C ALA A 99 -19.10 33.48 40.79
N LYS A 100 -18.43 34.26 39.95
CA LYS A 100 -17.94 35.61 40.30
C LYS A 100 -17.12 35.58 41.60
N LEU A 101 -16.26 34.58 41.73
CA LEU A 101 -15.36 34.45 42.90
C LEU A 101 -14.15 35.35 42.70
N SER A 102 -13.59 35.81 43.82
CA SER A 102 -12.36 36.65 43.89
C SER A 102 -11.12 35.76 43.89
N GLY A 103 -10.06 36.16 43.18
CA GLY A 103 -8.80 35.41 43.09
C GLY A 103 -8.94 34.04 42.42
N ILE A 104 -10.07 33.76 41.75
CA ILE A 104 -10.39 32.48 41.04
C ILE A 104 -10.87 32.85 39.65
N TRP A 105 -10.18 32.40 38.60
CA TRP A 105 -10.63 32.64 37.21
C TRP A 105 -10.30 31.45 36.31
N VAL A 106 -10.89 31.48 35.12
CA VAL A 106 -10.70 30.49 34.04
C VAL A 106 -9.94 31.19 32.89
N ALA A 107 -8.98 30.50 32.26
CA ALA A 107 -8.21 30.96 31.07
C ALA A 107 -8.20 29.86 29.99
N GLU A 108 -8.34 30.24 28.71
CA GLU A 108 -8.17 29.33 27.55
C GLU A 108 -6.80 28.68 27.66
N ASP A 109 -6.73 27.40 27.34
CA ASP A 109 -5.52 26.55 27.51
C ASP A 109 -5.65 25.39 26.50
N ASN A 110 -4.73 25.31 25.53
CA ASN A 110 -4.66 24.20 24.55
C ASN A 110 -4.24 22.91 25.27
N GLN A 111 -5.08 21.88 25.23
CA GLN A 111 -4.70 20.54 25.70
C GLN A 111 -4.09 19.75 24.53
N ARG A 112 -2.99 19.06 24.73
CA ARG A 112 -2.50 18.01 23.79
C ARG A 112 -3.13 16.68 24.22
N TYR A 113 -4.20 16.27 23.55
CA TYR A 113 -5.08 15.15 23.93
C TYR A 113 -4.75 13.94 23.05
N TYR A 114 -4.60 12.79 23.69
CA TYR A 114 -4.34 11.47 23.05
C TYR A 114 -5.57 10.61 23.26
N PRO A 115 -6.51 10.56 22.30
CA PRO A 115 -7.84 10.00 22.53
C PRO A 115 -7.88 8.52 22.94
N TYR A 116 -6.86 7.73 22.61
CA TYR A 116 -6.83 6.29 22.96
C TYR A 116 -6.05 6.11 24.28
N GLY A 117 -5.54 7.19 24.87
CA GLY A 117 -4.96 7.19 26.22
C GLY A 117 -3.64 6.46 26.30
N ASN A 118 -3.55 5.48 27.19
CA ASN A 118 -2.35 4.64 27.40
C ASN A 118 -2.20 3.78 26.15
N PHE A 119 -1.72 4.37 25.05
CA PHE A 119 -1.72 3.73 23.71
C PHE A 119 -0.64 4.30 22.79
N ALA A 120 0.25 3.44 22.29
CA ALA A 120 1.35 3.78 21.36
C ALA A 120 2.22 4.93 21.89
N PRO A 121 2.50 4.99 23.21
CA PRO A 121 3.24 6.11 23.77
C PRO A 121 4.67 6.22 23.22
N TYR A 122 5.29 5.08 22.91
CA TYR A 122 6.69 5.02 22.43
C TYR A 122 6.76 5.31 20.93
N VAL A 123 5.63 5.44 20.24
CA VAL A 123 5.53 6.06 18.88
C VAL A 123 5.17 7.55 19.04
N LEU A 124 4.03 7.86 19.61
CA LEU A 124 3.47 9.22 19.65
C LEU A 124 4.41 10.14 20.44
N GLY A 125 4.93 9.66 21.58
CA GLY A 125 5.60 10.54 22.53
C GLY A 125 4.60 11.53 23.12
N HIS A 126 5.07 12.72 23.50
CA HIS A 126 4.29 13.70 24.29
C HIS A 126 5.04 15.03 24.22
N THR A 127 4.42 16.07 24.78
CA THR A 127 4.96 17.46 24.80
C THR A 127 5.13 17.94 26.25
N SER A 128 6.07 18.85 26.47
CA SER A 128 6.20 19.63 27.74
C SER A 128 5.02 20.60 27.87
N SER A 129 4.95 21.31 29.01
CA SER A 129 3.92 22.33 29.33
C SER A 129 3.69 23.29 28.15
N ASP A 130 4.76 23.81 27.53
CA ASP A 130 4.72 24.84 26.44
C ASP A 130 4.44 24.22 25.05
N ALA A 131 3.95 22.97 25.00
CA ALA A 131 3.51 22.24 23.79
C ALA A 131 4.66 22.06 22.79
N THR A 132 5.89 21.92 23.29
CA THR A 132 7.10 21.50 22.52
C THR A 132 7.22 19.99 22.60
N GLY A 133 7.47 19.31 21.48
CA GLY A 133 7.62 17.84 21.44
C GLY A 133 8.89 17.40 22.14
N ILE A 134 8.77 16.57 23.19
CA ILE A 134 9.99 16.14 23.93
C ILE A 134 10.27 14.63 23.80
N SER A 135 9.42 13.86 23.14
CA SER A 135 9.69 12.42 22.86
C SER A 135 8.80 11.90 21.74
N GLY A 136 9.22 10.81 21.10
CA GLY A 136 8.53 10.12 20.01
C GLY A 136 8.33 11.04 18.81
N VAL A 137 7.25 10.79 18.09
CA VAL A 137 6.92 11.57 16.86
C VAL A 137 6.74 13.05 17.24
N GLU A 138 6.17 13.35 18.40
CA GLU A 138 5.93 14.75 18.82
C GLU A 138 7.25 15.53 18.71
N MET A 139 8.36 14.93 19.14
CA MET A 139 9.71 15.56 19.11
C MET A 139 10.35 15.49 17.72
N GLN A 140 10.45 14.29 17.16
CA GLN A 140 11.10 14.05 15.85
C GLN A 140 10.51 15.00 14.81
N TYR A 141 9.19 15.23 14.82
CA TYR A 141 8.51 16.06 13.79
C TYR A 141 8.00 17.36 14.45
N ASP A 142 8.68 17.83 15.51
CA ASP A 142 8.24 19.03 16.27
C ASP A 142 8.00 20.20 15.31
N LYS A 143 8.95 20.49 14.42
CA LYS A 143 8.87 21.65 13.49
C LYS A 143 7.68 21.50 12.54
N LYS A 144 7.45 20.28 12.04
CA LYS A 144 6.38 19.99 11.05
C LYS A 144 5.01 20.12 11.71
N LEU A 145 4.93 19.89 13.01
CA LEU A 145 3.68 19.88 13.80
C LEU A 145 3.36 21.25 14.38
N LYS A 146 4.37 22.10 14.66
CA LYS A 146 4.21 23.42 15.33
C LYS A 146 3.23 24.32 14.56
N GLY A 147 2.27 24.93 15.27
CA GLY A 147 1.37 25.93 14.69
C GLY A 147 2.12 27.23 14.46
N LYS A 148 1.47 28.21 13.84
CA LYS A 148 1.99 29.59 13.65
C LYS A 148 1.31 30.49 14.69
N PRO A 149 2.07 31.12 15.62
CA PRO A 149 1.47 31.88 16.73
C PRO A 149 0.58 33.07 16.34
N GLY A 150 -0.38 33.38 17.22
CA GLY A 150 -1.14 34.65 17.24
C GLY A 150 -0.54 35.67 18.20
N LYS A 151 -1.26 36.77 18.42
CA LYS A 151 -0.76 37.99 19.14
C LYS A 151 -1.95 38.82 19.64
N LEU A 152 -1.83 39.40 20.83
CA LEU A 152 -2.76 40.45 21.35
C LEU A 152 -2.20 41.83 20.97
N GLU A 172 -5.07 35.97 14.69
CA GLU A 172 -5.50 34.66 15.27
C GLU A 172 -4.44 33.60 14.99
N PRO A 173 -4.24 32.61 15.89
CA PRO A 173 -3.22 31.58 15.68
C PRO A 173 -3.63 30.64 14.53
N VAL A 174 -2.66 29.98 13.91
CA VAL A 174 -2.90 28.97 12.82
C VAL A 174 -2.41 27.60 13.31
N GLN A 175 -3.32 26.63 13.38
CA GLN A 175 -3.03 25.21 13.67
C GLN A 175 -1.92 24.68 12.75
N GLY A 176 -0.97 23.94 13.31
CA GLY A 176 0.13 23.32 12.56
C GLY A 176 -0.35 22.26 11.56
N ASN A 177 0.54 21.93 10.64
CA ASN A 177 0.31 20.83 9.67
C ASN A 177 0.34 19.50 10.43
N GLY A 178 -0.48 18.52 10.01
CA GLY A 178 -0.59 17.21 10.64
C GLY A 178 0.29 16.15 9.98
N LEU A 179 0.22 14.92 10.52
CA LEU A 179 1.03 13.75 10.09
C LEU A 179 0.11 12.53 10.05
N VAL A 180 0.33 11.64 9.10
CA VAL A 180 -0.36 10.31 9.05
C VAL A 180 0.70 9.25 9.31
N LEU A 181 0.52 8.41 10.33
CA LEU A 181 1.49 7.37 10.67
C LEU A 181 1.19 6.16 9.79
N SER A 182 2.19 5.27 9.65
CA SER A 182 2.02 3.92 9.09
C SER A 182 1.30 3.03 10.11
N ILE A 183 1.30 3.43 11.39
CA ILE A 183 0.65 2.69 12.49
C ILE A 183 -0.83 2.52 12.16
N ASP A 184 -1.37 1.32 12.37
CA ASP A 184 -2.82 1.01 12.30
C ASP A 184 -3.30 0.82 13.74
N GLU A 185 -4.22 1.66 14.21
CA GLU A 185 -4.69 1.61 15.62
C GLU A 185 -5.26 0.21 15.92
N VAL A 186 -5.84 -0.50 14.95
CA VAL A 186 -6.39 -1.86 15.23
C VAL A 186 -5.25 -2.82 15.52
N ILE A 187 -4.21 -2.82 14.70
CA ILE A 187 -3.05 -3.73 14.87
C ILE A 187 -2.30 -3.33 16.14
N GLN A 188 -2.20 -2.03 16.41
CA GLN A 188 -1.53 -1.48 17.61
C GLN A 188 -2.27 -1.99 18.85
N HIS A 189 -3.61 -1.98 18.85
CA HIS A 189 -4.47 -2.55 19.94
C HIS A 189 -4.15 -4.03 20.16
N TYR A 190 -4.15 -4.84 19.11
CA TYR A 190 -3.85 -6.29 19.17
C TYR A 190 -2.44 -6.50 19.73
N THR A 191 -1.50 -5.67 19.30
CA THR A 191 -0.09 -5.69 19.75
C THR A 191 -0.02 -5.33 21.24
N GLU A 192 -0.63 -4.20 21.64
CA GLU A 192 -0.63 -3.77 23.08
C GLU A 192 -1.24 -4.88 23.94
N LYS A 193 -2.36 -5.43 23.49
CA LYS A 193 -3.13 -6.48 24.21
C LYS A 193 -2.29 -7.73 24.39
N ALA A 194 -1.60 -8.17 23.36
CA ALA A 194 -0.79 -9.39 23.43
C ALA A 194 0.42 -9.15 24.35
N VAL A 195 1.00 -7.95 24.25
CA VAL A 195 2.22 -7.60 25.03
C VAL A 195 1.83 -7.47 26.51
N GLN A 196 0.73 -6.78 26.83
CA GLN A 196 0.22 -6.61 28.23
C GLN A 196 -0.07 -7.99 28.84
N LYS A 197 -0.68 -8.90 28.08
CA LYS A 197 -0.96 -10.27 28.55
C LYS A 197 0.35 -10.96 28.92
N ALA A 198 1.34 -10.90 28.04
CA ALA A 198 2.60 -11.63 28.25
C ALA A 198 3.38 -11.02 29.41
N TYR A 199 3.25 -9.71 29.61
CA TYR A 199 3.94 -8.98 30.69
C TYR A 199 3.44 -9.50 32.05
N GLU A 200 2.13 -9.63 32.19
CA GLU A 200 1.46 -10.15 33.40
C GLU A 200 1.83 -11.62 33.57
N LEU A 201 1.60 -12.43 32.54
CA LEU A 201 1.79 -13.89 32.60
C LEU A 201 3.24 -14.24 32.98
N ASN A 202 4.23 -13.58 32.36
CA ASN A 202 5.64 -14.00 32.48
C ASN A 202 6.29 -13.24 33.63
N ASN A 203 5.55 -12.37 34.31
CA ASN A 203 6.09 -11.47 35.35
C ASN A 203 7.46 -10.97 34.87
N ALA A 204 7.49 -10.37 33.66
CA ALA A 204 8.72 -10.00 32.95
C ALA A 204 9.19 -8.62 33.41
N LYS A 205 10.46 -8.33 33.21
CA LYS A 205 10.95 -6.93 33.38
C LYS A 205 10.30 -6.06 32.30
N LYS A 206 10.15 -6.60 31.10
CA LYS A 206 9.75 -5.79 29.91
C LYS A 206 9.24 -6.75 28.84
N VAL A 207 8.19 -6.36 28.13
CA VAL A 207 7.73 -7.10 26.94
C VAL A 207 7.56 -6.08 25.83
N THR A 208 8.12 -6.37 24.67
CA THR A 208 8.20 -5.48 23.49
C THR A 208 7.78 -6.27 22.26
N ALA A 209 6.96 -5.66 21.40
CA ALA A 209 6.65 -6.23 20.07
C ALA A 209 6.63 -5.11 19.01
N ILE A 210 7.12 -5.44 17.82
CA ILE A 210 7.04 -4.57 16.63
C ILE A 210 6.38 -5.37 15.51
N ALA A 211 5.43 -4.76 14.79
CA ALA A 211 4.82 -5.35 13.57
C ALA A 211 5.21 -4.46 12.39
N MET A 212 5.73 -5.08 11.34
CA MET A 212 6.30 -4.34 10.18
C MET A 212 5.71 -4.89 8.89
N ASN A 213 5.44 -3.97 7.95
CA ASN A 213 5.23 -4.29 6.53
C ASN A 213 6.60 -4.49 5.89
N PRO A 214 7.00 -5.74 5.56
CA PRO A 214 8.34 -6.00 5.02
C PRO A 214 8.51 -5.40 3.60
N LYS A 215 7.42 -5.20 2.86
CA LYS A 215 7.50 -4.65 1.48
C LYS A 215 7.86 -3.15 1.49
N THR A 216 7.51 -2.42 2.56
CA THR A 216 7.66 -0.94 2.59
C THR A 216 8.59 -0.49 3.72
N GLY A 217 8.82 -1.34 4.75
CA GLY A 217 9.48 -0.93 6.00
C GLY A 217 8.57 -0.13 6.94
N ASP A 218 7.30 0.05 6.58
CA ASP A 218 6.28 0.70 7.45
C ASP A 218 6.16 -0.08 8.77
N ILE A 219 6.24 0.63 9.91
CA ILE A 219 5.83 0.10 11.24
C ILE A 219 4.30 0.13 11.34
N LEU A 220 3.65 -1.03 11.52
CA LEU A 220 2.19 -1.18 11.71
C LEU A 220 1.91 -1.05 13.20
N ALA A 221 2.83 -1.50 14.05
CA ALA A 221 2.63 -1.39 15.51
C ALA A 221 3.97 -1.50 16.22
N LEU A 222 4.07 -0.86 17.38
CA LEU A 222 5.25 -0.82 18.26
C LEU A 222 4.75 -0.62 19.70
N ALA A 223 4.80 -1.66 20.51
CA ALA A 223 4.30 -1.64 21.91
C ALA A 223 5.41 -2.17 22.82
N SER A 224 5.47 -1.63 24.02
CA SER A 224 6.32 -2.15 25.12
C SER A 224 5.63 -1.87 26.46
N LYS A 225 5.65 -2.87 27.31
CA LYS A 225 5.17 -2.78 28.71
C LYS A 225 6.34 -3.13 29.60
N PRO A 226 6.52 -2.44 30.75
CA PRO A 226 5.60 -1.36 31.14
C PRO A 226 5.78 -0.10 30.28
N ASP A 227 4.77 0.75 30.16
CA ASP A 227 4.85 2.01 29.38
C ASP A 227 4.22 3.13 30.21
N TYR A 228 3.77 4.22 29.58
CA TYR A 228 3.20 5.40 30.28
C TYR A 228 2.04 5.96 29.45
N ASP A 229 1.27 6.85 30.06
CA ASP A 229 0.14 7.57 29.42
C ASP A 229 0.69 8.92 28.96
N PRO A 230 0.67 9.22 27.63
CA PRO A 230 1.13 10.51 27.13
C PRO A 230 0.21 11.67 27.54
N ASN A 231 -1.04 11.39 27.91
CA ASN A 231 -1.97 12.39 28.50
C ASN A 231 -1.41 12.92 29.83
N ASP A 232 -0.67 12.10 30.57
CA ASP A 232 -0.09 12.47 31.89
C ASP A 232 1.32 11.91 32.02
N SER A 233 2.28 12.51 31.34
CA SER A 233 3.63 11.93 31.10
C SER A 233 4.46 11.79 32.38
N ARG A 234 4.11 12.47 33.48
CA ARG A 234 4.94 12.45 34.72
C ARG A 234 4.33 11.52 35.78
N THR A 235 3.13 10.99 35.56
CA THR A 235 2.42 10.07 36.50
C THR A 235 2.64 8.61 36.09
N PRO A 236 3.56 7.87 36.73
CA PRO A 236 3.72 6.45 36.46
C PRO A 236 2.39 5.74 36.71
N ILE A 237 2.05 4.78 35.83
CA ILE A 237 0.80 3.98 35.87
C ILE A 237 1.14 2.51 36.02
N TYR A 238 2.43 2.16 36.06
CA TYR A 238 2.94 0.79 36.33
C TYR A 238 3.82 0.82 37.58
N PRO A 239 3.56 -0.09 38.55
CA PRO A 239 4.36 -0.16 39.77
C PRO A 239 5.87 -0.08 39.48
N TYR A 240 6.32 -0.80 38.46
CA TYR A 240 7.76 -0.84 38.12
C TYR A 240 8.30 0.59 38.08
N TYR A 241 7.63 1.47 37.34
CA TYR A 241 8.07 2.88 37.21
C TYR A 241 7.80 3.63 38.52
N GLN A 242 6.71 3.32 39.23
CA GLN A 242 6.42 3.91 40.58
C GLN A 242 7.66 3.67 41.45
N GLU A 243 8.12 2.43 41.53
CA GLU A 243 9.27 2.02 42.37
C GLU A 243 10.56 2.68 41.86
N GLU A 244 10.70 2.87 40.55
CA GLU A 244 11.92 3.43 39.89
C GLU A 244 12.02 4.94 40.08
N LEU A 245 10.91 5.63 40.35
CA LEU A 245 10.92 7.12 40.45
C LEU A 245 11.24 7.56 41.89
N GLU A 246 11.11 6.69 42.88
CA GLU A 246 11.52 6.98 44.30
C GLU A 246 12.84 6.26 44.60
N LYS A 247 13.70 6.16 43.58
CA LYS A 247 15.15 5.89 43.67
C LYS A 247 15.88 7.13 43.13
N TYR A 248 15.17 8.27 43.10
CA TYR A 248 15.63 9.58 42.61
C TYR A 248 15.04 10.67 43.54
N ASN A 249 15.82 11.72 43.81
CA ASN A 249 15.36 12.96 44.51
C ASN A 249 14.74 13.90 43.46
N ASP A 250 14.01 14.93 43.93
CA ASP A 250 13.25 15.87 43.05
C ASP A 250 14.17 16.42 41.97
N LYS A 251 15.37 16.87 42.36
CA LYS A 251 16.42 17.42 41.45
C LYS A 251 16.64 16.48 40.25
N ASP A 252 16.66 15.16 40.50
CA ASP A 252 17.09 14.13 39.52
C ASP A 252 15.89 13.32 38.97
N LYS A 253 14.64 13.73 39.25
CA LYS A 253 13.46 12.93 38.84
C LYS A 253 13.32 12.95 37.30
N ILE A 254 13.68 14.06 36.65
CA ILE A 254 13.73 14.19 35.17
C ILE A 254 14.50 12.99 34.58
N LYS A 255 15.52 12.47 35.26
CA LYS A 255 16.34 11.32 34.80
C LYS A 255 15.46 10.06 34.81
N GLY A 256 14.64 9.92 35.84
CA GLY A 256 13.72 8.77 35.99
C GLY A 256 12.62 8.86 34.95
N TYR A 257 12.15 10.07 34.66
CA TYR A 257 11.13 10.34 33.62
C TYR A 257 11.71 9.90 32.26
N TYR A 258 12.95 10.28 31.95
CA TYR A 258 13.60 9.95 30.66
C TYR A 258 13.76 8.44 30.54
N GLN A 259 14.00 7.75 31.65
CA GLN A 259 14.04 6.26 31.74
C GLN A 259 12.67 5.67 31.35
N MET A 260 11.58 6.24 31.85
CA MET A 260 10.22 5.74 31.60
C MET A 260 9.79 6.05 30.15
N TRP A 261 10.31 7.13 29.59
CA TRP A 261 9.95 7.62 28.23
C TRP A 261 10.82 6.93 27.18
N ARG A 262 11.88 6.25 27.58
CA ARG A 262 12.85 5.63 26.63
C ARG A 262 12.12 4.52 25.83
N ASN A 263 12.22 4.58 24.51
CA ASN A 263 11.58 3.62 23.59
C ASN A 263 12.49 2.39 23.52
N PRO A 264 12.16 1.26 24.16
CA PRO A 264 13.02 0.08 24.16
C PRO A 264 13.22 -0.55 22.78
N ALA A 265 12.28 -0.34 21.86
CA ALA A 265 12.31 -0.90 20.49
C ALA A 265 13.47 -0.28 19.73
N VAL A 266 13.77 0.98 20.01
CA VAL A 266 14.82 1.70 19.23
C VAL A 266 16.03 2.01 20.09
N SER A 267 15.91 2.10 21.42
CA SER A 267 17.01 2.61 22.30
C SER A 267 17.72 1.49 23.06
N ASP A 268 17.07 0.34 23.31
CA ASP A 268 17.72 -0.79 24.03
C ASP A 268 18.36 -1.76 23.04
N THR A 269 19.48 -2.37 23.43
CA THR A 269 20.22 -3.42 22.70
C THR A 269 20.12 -4.72 23.49
N TYR A 270 20.26 -5.85 22.81
CA TYR A 270 20.09 -7.18 23.43
C TYR A 270 20.77 -8.19 22.51
N GLU A 271 21.30 -9.27 23.09
CA GLU A 271 21.80 -10.44 22.33
C GLU A 271 20.56 -11.17 21.84
N PRO A 272 20.36 -11.30 20.51
CA PRO A 272 19.10 -11.79 19.97
C PRO A 272 18.87 -13.30 20.03
N GLY A 273 19.88 -14.07 20.39
CA GLY A 273 19.75 -15.52 20.44
C GLY A 273 19.60 -16.15 19.06
N SER A 274 18.88 -17.26 19.01
CA SER A 274 18.72 -18.08 17.80
C SER A 274 17.92 -17.41 16.66
N THR A 275 17.23 -16.30 16.88
CA THR A 275 16.59 -15.55 15.77
C THR A 275 17.67 -15.18 14.75
N PHE A 276 18.88 -14.86 15.21
CA PHE A 276 20.05 -14.56 14.35
C PHE A 276 20.42 -15.76 13.47
N LYS A 277 19.94 -16.96 13.74
CA LYS A 277 20.23 -18.12 12.87
C LYS A 277 19.58 -17.93 11.49
N LEU A 278 18.53 -17.10 11.41
CA LEU A 278 17.97 -16.71 10.10
C LEU A 278 19.02 -15.89 9.32
N ILE A 279 19.79 -15.04 9.99
CA ILE A 279 20.87 -14.20 9.38
C ILE A 279 21.98 -15.15 8.93
N THR A 280 22.45 -16.04 9.81
CA THR A 280 23.55 -16.99 9.51
C THR A 280 23.17 -17.90 8.34
N SER A 281 21.95 -18.43 8.34
CA SER A 281 21.41 -19.30 7.27
C SER A 281 21.39 -18.56 5.92
N SER A 282 20.84 -17.34 5.90
CA SER A 282 20.70 -16.52 4.67
C SER A 282 22.10 -16.29 4.08
N SER A 283 23.06 -15.97 4.92
CA SER A 283 24.47 -15.69 4.56
C SER A 283 25.08 -16.97 3.96
N ALA A 284 24.93 -18.10 4.65
CA ALA A 284 25.48 -19.40 4.22
C ALA A 284 24.89 -19.82 2.87
N LEU A 285 23.57 -19.71 2.69
CA LEU A 285 22.91 -20.09 1.42
C LEU A 285 23.37 -19.15 0.30
N GLU A 286 23.44 -17.83 0.57
CA GLU A 286 23.84 -16.79 -0.41
C GLU A 286 25.30 -17.06 -0.87
N GLU A 287 26.19 -17.46 0.05
CA GLU A 287 27.62 -17.72 -0.24
C GLU A 287 27.84 -19.11 -0.86
N GLY A 288 26.81 -19.95 -0.91
CA GLY A 288 26.87 -21.30 -1.53
C GLY A 288 27.66 -22.30 -0.72
N VAL A 289 27.83 -22.08 0.60
CA VAL A 289 28.73 -22.92 1.46
C VAL A 289 28.03 -24.22 1.86
N ILE A 290 26.73 -24.36 1.57
CA ILE A 290 25.97 -25.61 1.81
C ILE A 290 25.76 -26.33 0.48
N LYS A 291 26.34 -27.54 0.35
CA LYS A 291 26.13 -28.46 -0.79
C LYS A 291 24.67 -28.95 -0.76
N ASP A 292 24.07 -29.17 -1.93
CA ASP A 292 22.70 -29.72 -2.08
C ASP A 292 22.69 -31.12 -1.46
N GLY A 293 21.71 -31.41 -0.59
CA GLY A 293 21.55 -32.71 0.07
C GLY A 293 22.57 -32.94 1.17
N GLU A 294 23.35 -31.92 1.54
CA GLU A 294 24.42 -32.07 2.56
C GLU A 294 23.81 -32.48 3.91
N LYS A 295 24.39 -33.48 4.57
CA LYS A 295 23.99 -33.98 5.91
C LYS A 295 24.97 -33.38 6.91
N PHE A 296 24.46 -32.76 7.98
CA PHE A 296 25.27 -32.26 9.11
C PHE A 296 24.93 -33.08 10.35
N THR A 297 25.97 -33.62 10.98
CA THR A 297 25.84 -34.54 12.15
C THR A 297 25.98 -33.75 13.44
N CYS A 298 24.95 -33.83 14.27
CA CYS A 298 24.99 -33.40 15.67
C CYS A 298 25.40 -34.59 16.56
N THR A 299 26.52 -34.45 17.29
CA THR A 299 26.96 -35.35 18.39
C THR A 299 26.72 -34.66 19.73
N GLY A 300 26.05 -33.51 19.72
CA GLY A 300 25.67 -32.77 20.94
C GLY A 300 26.65 -31.66 21.27
N SER A 301 27.82 -31.65 20.64
CA SER A 301 28.80 -30.55 20.86
C SER A 301 29.82 -30.46 19.71
N VAL A 302 30.51 -29.31 19.66
CA VAL A 302 31.69 -29.03 18.81
C VAL A 302 32.67 -28.28 19.71
N THR A 303 33.97 -28.58 19.57
CA THR A 303 35.06 -27.92 20.34
C THR A 303 35.68 -26.84 19.46
N VAL A 304 35.80 -25.63 20.01
CA VAL A 304 36.37 -24.42 19.35
C VAL A 304 37.17 -23.67 20.41
N GLY A 305 38.40 -23.29 20.09
CA GLY A 305 39.24 -22.46 20.98
C GLY A 305 39.39 -23.10 22.34
N GLY A 306 39.40 -24.43 22.39
CA GLY A 306 39.55 -25.22 23.63
C GLY A 306 38.31 -25.24 24.51
N ARG A 307 37.16 -24.79 23.99
N ARG A 307 37.16 -24.80 23.99
CA ARG A 307 35.85 -24.71 24.71
CA ARG A 307 35.86 -24.77 24.73
C ARG A 307 34.82 -25.61 23.99
C ARG A 307 34.85 -25.66 24.00
N LYS A 308 33.98 -26.33 24.75
CA LYS A 308 32.84 -27.10 24.18
C LYS A 308 31.66 -26.14 23.97
N ILE A 309 31.19 -26.03 22.73
CA ILE A 309 29.90 -25.36 22.40
C ILE A 309 28.87 -26.48 22.28
N LYS A 310 27.89 -26.53 23.18
CA LYS A 310 26.89 -27.65 23.25
C LYS A 310 25.65 -27.28 22.42
N CYS A 311 25.08 -28.27 21.75
CA CYS A 311 23.68 -28.27 21.28
C CYS A 311 22.80 -28.14 22.53
N TRP A 312 21.64 -27.49 22.42
CA TRP A 312 20.65 -27.40 23.53
C TRP A 312 20.22 -28.82 23.93
N ARG A 313 20.24 -29.77 22.97
CA ARG A 313 19.81 -31.17 23.16
C ARG A 313 21.03 -32.11 23.10
N HIS A 314 22.14 -31.70 23.75
CA HIS A 314 23.44 -32.43 23.78
C HIS A 314 23.35 -33.75 24.55
N TYR A 315 22.34 -33.88 25.43
CA TYR A 315 22.01 -35.13 26.18
C TYR A 315 21.43 -36.15 25.19
N ARG A 316 20.73 -35.68 24.16
CA ARG A 316 20.09 -36.50 23.10
C ARG A 316 20.41 -35.89 21.73
N PRO A 317 21.63 -36.13 21.22
CA PRO A 317 22.07 -35.53 19.95
C PRO A 317 21.07 -35.67 18.79
N HIS A 318 21.03 -34.67 17.90
CA HIS A 318 20.16 -34.65 16.70
C HIS A 318 20.66 -35.64 15.64
N GLY A 319 21.94 -36.06 15.71
CA GLY A 319 22.54 -36.94 14.69
C GLY A 319 22.55 -36.29 13.32
N THR A 320 22.29 -37.07 12.27
CA THR A 320 22.28 -36.69 10.83
C THR A 320 21.11 -35.74 10.56
N GLN A 321 21.38 -34.55 10.00
CA GLN A 321 20.32 -33.55 9.66
C GLN A 321 20.60 -32.96 8.27
N GLU A 322 19.58 -32.85 7.43
CA GLU A 322 19.60 -31.87 6.31
C GLU A 322 19.51 -30.45 6.94
N PHE A 323 19.89 -29.45 6.17
CA PHE A 323 20.00 -28.04 6.63
C PHE A 323 18.64 -27.57 7.18
N LYS A 324 17.57 -27.80 6.44
CA LYS A 324 16.19 -27.43 6.84
C LYS A 324 15.96 -27.92 8.26
N GLN A 325 16.31 -29.18 8.52
N GLN A 325 16.27 -29.20 8.51
CA GLN A 325 16.04 -29.90 9.78
CA GLN A 325 16.06 -29.89 9.82
C GLN A 325 16.91 -29.33 10.91
C GLN A 325 16.88 -29.20 10.91
N ALA A 326 18.13 -28.86 10.63
CA ALA A 326 19.04 -28.24 11.61
C ALA A 326 18.48 -26.89 12.10
N VAL A 327 17.79 -26.15 11.22
CA VAL A 327 17.15 -24.86 11.59
C VAL A 327 15.92 -25.21 12.45
N GLN A 328 15.12 -26.17 11.99
CA GLN A 328 13.95 -26.69 12.75
C GLN A 328 14.39 -27.10 14.15
N ASN A 329 15.57 -27.73 14.28
CA ASN A 329 16.12 -28.32 15.54
C ASN A 329 16.87 -27.28 16.35
N SER A 330 17.14 -26.11 15.78
CA SER A 330 17.99 -25.05 16.37
C SER A 330 19.33 -25.66 16.87
N CYS A 331 19.93 -26.50 16.03
CA CYS A 331 21.14 -27.28 16.37
C CYS A 331 22.39 -26.38 16.30
N ASN A 332 22.88 -25.90 17.44
CA ASN A 332 24.02 -24.94 17.53
C ASN A 332 25.24 -25.41 16.75
N PRO A 333 25.74 -26.67 16.93
CA PRO A 333 26.95 -27.10 16.22
C PRO A 333 26.87 -26.86 14.71
N VAL A 334 25.71 -27.06 14.09
CA VAL A 334 25.56 -26.87 12.62
C VAL A 334 25.80 -25.40 12.29
N PHE A 335 25.34 -24.49 13.15
CA PHE A 335 25.50 -23.03 12.93
C PHE A 335 26.96 -22.63 13.19
N VAL A 336 27.62 -23.25 14.16
CA VAL A 336 29.08 -23.10 14.37
C VAL A 336 29.81 -23.48 13.07
N GLU A 337 29.45 -24.58 12.44
CA GLU A 337 30.09 -25.07 11.20
C GLU A 337 29.89 -24.03 10.09
N LEU A 338 28.66 -23.53 9.90
CA LEU A 338 28.33 -22.57 8.80
C LEU A 338 29.10 -21.27 9.03
N GLY A 339 29.16 -20.79 10.28
CA GLY A 339 30.00 -19.63 10.67
C GLY A 339 31.46 -19.81 10.26
N SER A 340 32.05 -21.00 10.49
CA SER A 340 33.46 -21.34 10.14
C SER A 340 33.67 -21.35 8.63
N ARG A 341 32.73 -21.91 7.88
CA ARG A 341 32.80 -21.92 6.40
C ARG A 341 32.73 -20.49 5.88
N LEU A 342 31.96 -19.61 6.50
CA LEU A 342 31.88 -18.19 6.10
C LEU A 342 33.21 -17.50 6.48
N GLY A 343 33.65 -17.68 7.73
CA GLY A 343 34.80 -17.01 8.33
C GLY A 343 34.37 -15.66 8.86
N VAL A 344 35.23 -15.01 9.63
CA VAL A 344 34.95 -13.70 10.31
C VAL A 344 34.55 -12.64 9.27
N GLY A 345 35.27 -12.59 8.14
CA GLY A 345 35.09 -11.60 7.06
C GLY A 345 33.70 -11.64 6.42
N LYS A 346 33.31 -12.76 5.82
CA LYS A 346 31.97 -12.95 5.21
C LYS A 346 30.88 -12.73 6.27
N MET A 347 31.06 -13.26 7.47
CA MET A 347 30.08 -13.16 8.57
C MET A 347 29.85 -11.67 8.86
N TYR A 348 30.93 -10.89 8.99
CA TYR A 348 30.84 -9.45 9.28
C TYR A 348 30.31 -8.67 8.08
N ASP A 349 30.62 -9.10 6.85
CA ASP A 349 30.01 -8.47 5.64
C ASP A 349 28.47 -8.60 5.72
N TYR A 350 27.94 -9.79 6.03
CA TYR A 350 26.47 -10.01 6.04
C TYR A 350 25.84 -9.25 7.21
N ILE A 351 26.49 -9.22 8.37
CA ILE A 351 25.98 -8.51 9.56
C ILE A 351 25.86 -7.03 9.21
N GLU A 352 26.88 -6.45 8.58
CA GLU A 352 26.86 -5.03 8.13
C GLU A 352 25.74 -4.85 7.09
N SER A 353 25.67 -5.71 6.08
CA SER A 353 24.72 -5.62 4.95
C SER A 353 23.24 -5.70 5.41
N PHE A 354 22.94 -6.52 6.43
CA PHE A 354 21.58 -6.69 7.01
C PHE A 354 21.24 -5.50 7.90
N GLY A 355 22.20 -4.62 8.18
CA GLY A 355 21.94 -3.31 8.81
C GLY A 355 22.19 -3.35 10.30
N LEU A 356 22.78 -4.44 10.80
CA LEU A 356 22.90 -4.77 12.25
C LEU A 356 24.15 -4.15 12.90
N MET A 357 24.92 -3.32 12.21
CA MET A 357 26.07 -2.59 12.83
C MET A 357 25.83 -1.09 12.77
N ASP A 358 24.71 -0.66 12.22
CA ASP A 358 24.41 0.76 11.92
C ASP A 358 22.97 1.04 12.34
N LYS A 359 22.68 2.28 12.72
CA LYS A 359 21.31 2.79 12.97
C LYS A 359 20.48 2.45 11.74
N THR A 360 19.19 2.20 11.93
CA THR A 360 18.23 1.89 10.83
C THR A 360 17.80 3.18 10.14
N GLY A 361 17.93 4.33 10.82
CA GLY A 361 17.39 5.61 10.32
C GLY A 361 15.88 5.74 10.56
N ILE A 362 15.31 4.94 11.46
CA ILE A 362 13.87 5.06 11.82
C ILE A 362 13.65 6.50 12.33
N ASP A 363 12.51 7.09 12.00
CA ASP A 363 12.14 8.51 12.28
C ASP A 363 11.52 8.61 13.67
N LEU A 364 12.20 8.04 14.66
CA LEU A 364 11.96 8.22 16.11
C LEU A 364 13.27 8.64 16.77
N PRO A 365 13.23 9.39 17.89
CA PRO A 365 14.45 9.89 18.55
C PRO A 365 15.21 8.79 19.32
N GLY A 366 16.54 8.97 19.44
CA GLY A 366 17.42 8.21 20.37
C GLY A 366 17.66 6.79 19.93
N GLU A 367 17.79 6.54 18.62
CA GLU A 367 18.13 5.18 18.13
C GLU A 367 19.57 4.84 18.55
N ALA A 368 19.78 3.62 19.07
CA ALA A 368 21.11 2.97 19.29
C ALA A 368 21.50 2.15 18.05
N LYS A 369 22.69 1.53 18.02
CA LYS A 369 23.24 0.90 16.78
C LYS A 369 23.80 -0.51 17.06
N GLY A 370 23.47 -1.07 18.22
CA GLY A 370 23.93 -2.42 18.63
C GLY A 370 25.39 -2.40 19.05
N ILE A 371 25.89 -3.53 19.54
CA ILE A 371 27.28 -3.65 20.05
C ILE A 371 27.87 -4.90 19.39
N LEU A 372 29.00 -4.74 18.71
CA LEU A 372 29.73 -5.85 18.08
C LEU A 372 31.23 -5.71 18.36
N TYR A 373 31.90 -6.81 18.70
CA TYR A 373 33.37 -6.93 18.75
C TYR A 373 33.95 -6.44 17.41
N ASN A 374 34.97 -5.57 17.46
CA ASN A 374 35.75 -5.19 16.25
C ASN A 374 36.18 -6.46 15.51
N GLU A 375 35.99 -6.44 14.19
CA GLU A 375 36.13 -7.60 13.29
C GLU A 375 37.51 -8.26 13.43
N LYS A 376 38.56 -7.45 13.64
CA LYS A 376 39.98 -7.90 13.53
C LYS A 376 40.44 -8.51 14.86
N ASN A 377 39.68 -8.32 15.94
CA ASN A 377 39.98 -8.89 17.28
C ASN A 377 39.09 -10.11 17.54
N VAL A 378 38.24 -10.50 16.60
CA VAL A 378 37.28 -11.63 16.76
C VAL A 378 38.03 -12.97 16.74
N GLY A 379 38.04 -13.69 17.87
CA GLY A 379 38.63 -15.04 17.99
C GLY A 379 37.63 -16.15 17.64
N PRO A 380 38.10 -17.42 17.51
CA PRO A 380 37.26 -18.52 17.04
C PRO A 380 36.00 -18.78 17.88
N VAL A 381 36.10 -18.69 19.21
CA VAL A 381 34.96 -18.91 20.13
C VAL A 381 33.92 -17.78 19.95
N GLU A 382 34.35 -16.51 19.90
CA GLU A 382 33.43 -15.37 19.63
C GLU A 382 32.72 -15.60 18.29
N LEU A 383 33.43 -15.98 17.24
CA LEU A 383 32.84 -16.20 15.91
C LEU A 383 31.76 -17.28 16.01
N ALA A 384 32.04 -18.36 16.73
CA ALA A 384 31.16 -19.55 16.83
C ALA A 384 29.84 -19.14 17.49
N THR A 385 29.90 -18.36 18.58
CA THR A 385 28.72 -17.92 19.33
C THR A 385 27.92 -16.91 18.50
N ILE A 386 28.60 -16.00 17.76
CA ILE A 386 27.93 -14.99 16.89
C ILE A 386 27.04 -15.76 15.93
N SER A 387 27.47 -16.93 15.49
CA SER A 387 26.78 -17.74 14.47
C SER A 387 25.37 -18.15 14.93
N PHE A 388 25.09 -18.15 16.26
CA PHE A 388 23.75 -18.44 16.86
C PHE A 388 23.36 -17.30 17.81
N GLY A 389 23.82 -16.08 17.53
CA GLY A 389 23.22 -14.82 18.02
C GLY A 389 23.66 -14.40 19.41
N GLN A 390 24.77 -14.95 19.90
N GLN A 390 24.77 -14.97 19.89
CA GLN A 390 25.35 -14.53 21.20
CA GLN A 390 25.40 -14.58 21.18
C GLN A 390 26.68 -13.83 20.91
C GLN A 390 26.67 -13.78 20.86
N SER A 391 27.10 -12.90 21.77
CA SER A 391 28.32 -12.06 21.59
C SER A 391 28.14 -11.11 20.40
N ILE A 392 26.90 -10.72 20.14
CA ILE A 392 26.47 -9.59 19.26
C ILE A 392 25.16 -9.06 19.85
N SER A 393 25.04 -7.75 19.99
CA SER A 393 23.87 -7.02 20.52
C SER A 393 23.23 -6.22 19.39
N VAL A 394 21.90 -6.19 19.35
CA VAL A 394 21.13 -5.41 18.34
C VAL A 394 19.96 -4.76 19.05
N THR A 395 19.43 -3.69 18.45
CA THR A 395 18.09 -3.18 18.81
C THR A 395 17.03 -4.09 18.22
N PRO A 396 15.83 -4.18 18.84
CA PRO A 396 14.67 -4.82 18.19
C PRO A 396 14.41 -4.27 16.77
N ILE A 397 14.59 -2.98 16.54
CA ILE A 397 14.29 -2.35 15.22
C ILE A 397 15.28 -2.88 14.18
N GLN A 398 16.56 -3.00 14.55
CA GLN A 398 17.60 -3.58 13.67
C GLN A 398 17.18 -5.00 13.25
N LEU A 399 16.82 -5.82 14.23
CA LEU A 399 16.57 -7.25 14.00
C LEU A 399 15.30 -7.41 13.16
N ILE A 400 14.19 -6.74 13.48
CA ILE A 400 12.96 -6.87 12.63
C ILE A 400 13.26 -6.34 11.22
N THR A 401 14.02 -5.24 11.10
CA THR A 401 14.32 -4.66 9.76
C THR A 401 15.11 -5.68 8.95
N ALA A 402 16.06 -6.36 9.58
CA ALA A 402 16.94 -7.34 8.91
C ALA A 402 16.10 -8.53 8.46
N ILE A 403 15.27 -9.06 9.35
CA ILE A 403 14.44 -10.25 9.02
C ILE A 403 13.45 -9.87 7.93
N SER A 404 12.91 -8.65 7.96
CA SER A 404 11.95 -8.18 6.91
C SER A 404 12.59 -8.21 5.52
N SER A 405 13.92 -8.00 5.41
CA SER A 405 14.63 -8.06 4.10
C SER A 405 14.60 -9.48 3.57
N ILE A 406 14.63 -10.49 4.45
CA ILE A 406 14.53 -11.91 4.04
C ILE A 406 13.10 -12.16 3.50
N ALA A 407 12.10 -11.53 4.08
CA ALA A 407 10.67 -11.68 3.69
C ALA A 407 10.30 -10.73 2.54
N ASN A 408 11.25 -9.99 1.97
CA ASN A 408 10.98 -8.99 0.91
C ASN A 408 11.94 -9.21 -0.27
N GLY A 409 12.21 -10.47 -0.63
CA GLY A 409 13.03 -10.82 -1.81
C GLY A 409 14.48 -10.41 -1.64
N GLY A 410 14.92 -10.15 -0.40
CA GLY A 410 16.32 -9.81 -0.05
C GLY A 410 16.55 -8.32 0.07
N ASP A 411 15.54 -7.49 -0.19
CA ASP A 411 15.70 -6.02 -0.17
C ASP A 411 15.53 -5.45 1.25
N LEU A 412 16.56 -4.86 1.80
CA LEU A 412 16.54 -4.12 3.06
C LEU A 412 15.87 -2.76 2.84
N MET A 413 14.89 -2.43 3.68
CA MET A 413 14.10 -1.19 3.58
C MET A 413 14.38 -0.33 4.81
N GLN A 414 14.29 0.98 4.66
CA GLN A 414 14.40 1.92 5.80
C GLN A 414 13.06 1.90 6.55
N PRO A 415 13.05 1.57 7.85
CA PRO A 415 11.81 1.60 8.61
C PRO A 415 11.34 3.04 8.87
N ARG A 416 10.04 3.23 8.92
CA ARG A 416 9.42 4.55 9.19
C ARG A 416 8.06 4.37 9.87
N VAL A 417 7.65 5.46 10.51
CA VAL A 417 6.45 5.58 11.36
C VAL A 417 5.52 6.61 10.72
N VAL A 418 6.11 7.60 10.03
CA VAL A 418 5.39 8.71 9.37
C VAL A 418 5.35 8.42 7.87
N LYS A 419 4.15 8.30 7.33
CA LYS A 419 3.89 7.93 5.91
C LYS A 419 3.47 9.16 5.10
N SER A 420 2.74 10.13 5.69
CA SER A 420 2.15 11.27 4.96
C SER A 420 2.11 12.54 5.83
N TYR A 421 2.13 13.70 5.19
CA TYR A 421 1.88 15.02 5.82
C TYR A 421 0.49 15.48 5.40
N THR A 422 -0.18 16.24 6.27
CA THR A 422 -1.49 16.89 6.02
C THR A 422 -1.37 18.41 6.20
N ASP A 423 -2.32 19.15 5.66
CA ASP A 423 -2.58 20.56 6.04
C ASP A 423 -3.25 20.52 7.44
N ASN A 424 -3.78 21.64 7.92
CA ASN A 424 -4.46 21.72 9.24
C ASN A 424 -5.96 21.41 9.07
N LYS A 425 -6.40 20.90 7.92
CA LYS A 425 -7.80 20.51 7.70
C LYS A 425 -7.92 19.00 7.46
N GLY A 426 -6.84 18.23 7.56
CA GLY A 426 -6.90 16.76 7.40
C GLY A 426 -6.65 16.30 5.96
N ASN A 427 -6.31 17.22 5.05
CA ASN A 427 -6.01 16.92 3.63
C ASN A 427 -4.55 16.46 3.54
N ILE A 428 -4.29 15.31 2.90
CA ILE A 428 -2.92 14.81 2.61
C ILE A 428 -2.27 15.78 1.63
N THR A 429 -1.02 16.17 1.88
CA THR A 429 -0.30 17.11 1.01
C THR A 429 0.83 16.37 0.30
N GLU A 430 1.40 15.37 0.95
CA GLU A 430 2.64 14.69 0.50
C GLU A 430 2.65 13.30 1.13
N THR A 431 3.08 12.28 0.40
CA THR A 431 3.25 10.94 0.98
C THR A 431 4.69 10.50 0.67
N VAL A 432 5.31 9.79 1.61
CA VAL A 432 6.75 9.38 1.57
C VAL A 432 6.85 8.01 0.87
N LYS A 433 7.73 7.90 -0.11
CA LYS A 433 8.01 6.64 -0.85
C LYS A 433 8.78 5.67 0.06
N PRO A 434 8.54 4.34 -0.01
CA PRO A 434 9.44 3.38 0.60
C PRO A 434 10.86 3.57 0.08
N LYS A 435 11.85 3.48 0.96
CA LYS A 435 13.29 3.58 0.57
C LYS A 435 13.97 2.22 0.70
N LYS A 436 14.38 1.64 -0.44
CA LYS A 436 15.24 0.44 -0.50
C LYS A 436 16.66 0.90 -0.19
N VAL A 437 17.26 0.37 0.86
CA VAL A 437 18.67 0.66 1.23
C VAL A 437 19.59 -0.17 0.34
N ARG A 438 19.36 -1.47 0.15
CA ARG A 438 20.29 -2.40 -0.58
C ARG A 438 19.66 -3.78 -0.70
N SER A 439 20.10 -4.57 -1.68
CA SER A 439 19.78 -6.01 -1.83
C SER A 439 20.78 -6.80 -0.98
N VAL A 440 20.33 -7.49 0.07
CA VAL A 440 21.25 -8.18 1.02
C VAL A 440 21.57 -9.57 0.47
N ILE A 441 20.54 -10.23 -0.04
CA ILE A 441 20.61 -11.61 -0.56
C ILE A 441 19.77 -11.59 -1.82
N SER A 442 19.86 -12.64 -2.62
CA SER A 442 19.12 -12.75 -3.89
C SER A 442 17.66 -13.13 -3.60
N LYS A 443 16.79 -12.98 -4.58
CA LYS A 443 15.38 -13.47 -4.56
C LYS A 443 15.36 -14.98 -4.28
N GLU A 444 16.28 -15.75 -4.87
CA GLU A 444 16.31 -17.21 -4.77
C GLU A 444 16.64 -17.60 -3.31
N THR A 445 17.62 -16.95 -2.69
CA THR A 445 17.98 -17.23 -1.27
C THR A 445 16.82 -16.86 -0.36
N SER A 446 16.18 -15.71 -0.62
CA SER A 446 14.99 -15.23 0.12
C SER A 446 13.90 -16.31 0.10
N LYS A 447 13.59 -16.88 -1.10
CA LYS A 447 12.49 -17.86 -1.28
C LYS A 447 12.80 -19.13 -0.50
N LYS A 448 14.05 -19.57 -0.58
CA LYS A 448 14.55 -20.75 0.15
C LYS A 448 14.44 -20.51 1.66
N MET A 449 14.88 -19.35 2.13
CA MET A 449 14.77 -18.98 3.57
C MET A 449 13.31 -18.93 4.01
N LEU A 450 12.39 -18.42 3.18
CA LEU A 450 10.95 -18.33 3.58
C LEU A 450 10.36 -19.74 3.67
N GLU A 451 10.83 -20.66 2.83
CA GLU A 451 10.42 -22.08 2.85
C GLU A 451 11.00 -22.74 4.12
N ILE A 452 12.21 -22.34 4.52
CA ILE A 452 12.82 -22.90 5.76
C ILE A 452 12.08 -22.33 6.97
N ALA A 453 11.77 -21.03 6.96
CA ALA A 453 11.12 -20.34 8.09
C ALA A 453 9.74 -20.99 8.31
N GLU A 454 8.96 -21.21 7.25
CA GLU A 454 7.64 -21.86 7.33
C GLU A 454 7.81 -23.23 8.00
N SER A 455 8.86 -23.98 7.67
CA SER A 455 9.08 -25.38 8.13
C SER A 455 9.46 -25.38 9.62
N VAL A 456 9.99 -24.27 10.15
CA VAL A 456 10.27 -24.17 11.60
C VAL A 456 8.94 -24.19 12.37
N VAL A 457 7.90 -23.61 11.79
CA VAL A 457 6.59 -23.42 12.47
C VAL A 457 5.71 -24.66 12.22
N THR A 458 5.86 -25.32 11.08
CA THR A 458 5.07 -26.52 10.67
C THR A 458 5.70 -27.77 11.28
N GLU A 459 7.03 -27.85 11.36
CA GLU A 459 7.76 -29.10 11.69
C GLU A 459 8.73 -28.93 12.87
N GLY A 460 9.02 -27.72 13.37
CA GLY A 460 10.17 -27.52 14.28
C GLY A 460 9.83 -26.75 15.54
N GLY A 461 10.77 -25.91 16.02
CA GLY A 461 10.72 -25.23 17.33
C GLY A 461 9.74 -24.10 17.43
N GLY A 462 9.05 -23.72 16.35
CA GLY A 462 8.00 -22.66 16.34
C GLY A 462 6.58 -23.20 16.22
N LYS A 463 6.38 -24.51 16.31
CA LYS A 463 5.07 -25.19 16.21
C LYS A 463 4.02 -24.50 17.08
N ILE A 464 4.39 -24.03 18.27
CA ILE A 464 3.43 -23.33 19.18
C ILE A 464 2.69 -22.22 18.41
N ALA A 465 3.31 -21.57 17.45
CA ALA A 465 2.79 -20.38 16.75
C ALA A 465 2.03 -20.74 15.47
N TYR A 466 1.97 -22.02 15.10
CA TYR A 466 1.26 -22.51 13.89
C TYR A 466 -0.19 -22.07 13.86
N ILE A 467 -0.61 -21.45 12.75
CA ILE A 467 -2.03 -21.12 12.49
C ILE A 467 -2.42 -21.79 11.19
N PRO A 468 -3.40 -22.73 11.23
CA PRO A 468 -3.90 -23.38 10.02
C PRO A 468 -4.34 -22.35 8.97
N GLY A 469 -3.78 -22.45 7.77
CA GLY A 469 -4.24 -21.66 6.62
C GLY A 469 -3.44 -20.38 6.38
N TYR A 470 -2.55 -19.93 7.29
CA TYR A 470 -1.91 -18.58 7.22
C TYR A 470 -0.39 -18.65 7.02
N ARG A 471 0.19 -19.86 6.89
CA ARG A 471 1.58 -20.06 6.39
C ARG A 471 2.57 -19.18 7.18
N LEU A 472 2.46 -19.21 8.50
CA LEU A 472 3.40 -18.57 9.46
C LEU A 472 4.75 -19.28 9.36
N GLY A 473 5.83 -18.51 9.26
CA GLY A 473 7.19 -18.97 9.52
C GLY A 473 7.86 -18.08 10.55
N GLY A 474 8.97 -18.53 11.07
CA GLY A 474 9.77 -17.72 11.97
C GLY A 474 10.84 -18.54 12.64
N LYS A 475 11.27 -18.08 13.80
CA LYS A 475 12.38 -18.64 14.57
C LYS A 475 12.29 -18.11 15.99
N THR A 476 12.64 -18.96 16.93
CA THR A 476 12.71 -18.65 18.38
C THR A 476 14.14 -18.34 18.81
N GLY A 477 14.25 -17.56 19.88
CA GLY A 477 15.51 -17.45 20.60
C GLY A 477 15.30 -17.43 22.09
N THR A 478 16.27 -17.97 22.81
CA THR A 478 16.44 -17.91 24.28
C THR A 478 17.93 -17.59 24.51
N ALA A 479 18.24 -16.39 24.98
CA ALA A 479 19.60 -15.89 25.20
C ALA A 479 19.77 -15.47 26.65
N GLN A 480 20.83 -15.93 27.32
CA GLN A 480 21.21 -15.45 28.66
C GLN A 480 21.42 -13.95 28.55
N LYS A 481 20.99 -13.21 29.58
CA LYS A 481 20.97 -11.73 29.52
C LYS A 481 22.34 -11.15 29.92
N VAL A 482 22.79 -10.14 29.17
CA VAL A 482 23.98 -9.30 29.44
C VAL A 482 23.50 -8.03 30.15
N ILE A 483 24.13 -7.81 31.31
CA ILE A 483 23.98 -6.65 32.22
C ILE A 483 25.41 -6.22 32.58
N ASP A 484 25.76 -4.96 32.33
CA ASP A 484 27.14 -4.46 32.60
C ASP A 484 28.18 -5.40 31.95
N GLY A 485 27.96 -5.76 30.69
CA GLY A 485 28.88 -6.58 29.90
C GLY A 485 29.10 -7.99 30.41
N LYS A 486 28.23 -8.50 31.30
CA LYS A 486 28.45 -9.88 31.82
C LYS A 486 27.14 -10.68 31.79
N TYR A 487 27.27 -12.01 31.74
CA TYR A 487 26.10 -12.92 31.76
C TYR A 487 25.72 -13.24 33.20
N ALA A 488 24.56 -12.74 33.61
CA ALA A 488 23.96 -12.93 34.95
C ALA A 488 23.20 -14.25 34.99
N PRO A 489 22.97 -14.85 36.18
CA PRO A 489 22.33 -16.17 36.28
C PRO A 489 20.80 -16.12 36.44
N GLY A 490 20.09 -17.06 35.81
CA GLY A 490 18.62 -17.18 35.82
C GLY A 490 17.91 -16.07 35.04
N LYS A 491 18.65 -15.15 34.41
CA LYS A 491 18.10 -13.99 33.68
C LYS A 491 18.27 -14.24 32.17
N TYR A 492 17.15 -14.42 31.46
CA TYR A 492 17.08 -14.71 30.01
C TYR A 492 16.25 -13.62 29.29
N ILE A 493 16.54 -13.43 28.00
CA ILE A 493 15.67 -12.73 27.04
C ILE A 493 15.19 -13.78 26.02
N CYS A 494 13.88 -13.89 25.87
CA CYS A 494 13.22 -14.87 24.97
C CYS A 494 12.52 -14.08 23.86
N SER A 495 12.61 -14.58 22.64
CA SER A 495 12.08 -13.84 21.47
C SER A 495 11.57 -14.83 20.46
N PHE A 496 10.67 -14.33 19.65
CA PHE A 496 10.12 -15.07 18.51
C PHE A 496 9.93 -14.02 17.42
N VAL A 497 10.41 -14.33 16.24
CA VAL A 497 10.09 -13.51 15.05
C VAL A 497 9.21 -14.34 14.11
N GLY A 498 8.12 -13.73 13.65
CA GLY A 498 7.18 -14.39 12.72
C GLY A 498 7.05 -13.64 11.41
N ILE A 499 6.84 -14.39 10.35
CA ILE A 499 6.61 -13.91 8.97
C ILE A 499 5.35 -14.58 8.44
N ALA A 500 4.42 -13.82 7.87
CA ALA A 500 3.17 -14.39 7.32
C ALA A 500 2.59 -13.52 6.22
N PRO A 501 1.96 -14.10 5.19
CA PRO A 501 2.14 -15.52 4.87
C PRO A 501 3.48 -15.73 4.15
N CYS A 502 4.15 -16.87 4.34
CA CYS A 502 5.51 -17.06 3.81
C CYS A 502 5.56 -17.09 2.28
N ASP A 503 4.45 -17.37 1.59
CA ASP A 503 4.35 -17.39 0.10
C ASP A 503 4.30 -15.95 -0.42
N ASP A 504 3.91 -14.99 0.42
CA ASP A 504 3.85 -13.57 0.00
C ASP A 504 3.78 -12.68 1.24
N PRO A 505 4.91 -12.46 1.92
CA PRO A 505 4.86 -11.89 3.27
C PRO A 505 4.30 -10.47 3.32
N GLN A 506 3.39 -10.24 4.26
CA GLN A 506 2.63 -8.98 4.38
C GLN A 506 2.89 -8.39 5.75
N ILE A 507 3.33 -9.22 6.72
CA ILE A 507 3.57 -8.77 8.11
C ILE A 507 4.72 -9.58 8.70
N VAL A 508 5.62 -8.89 9.39
CA VAL A 508 6.67 -9.47 10.26
C VAL A 508 6.40 -8.97 11.66
N VAL A 509 6.48 -9.87 12.63
CA VAL A 509 6.29 -9.53 14.06
C VAL A 509 7.48 -10.05 14.84
N LEU A 510 8.10 -9.18 15.63
CA LEU A 510 9.16 -9.56 16.59
C LEU A 510 8.57 -9.32 17.97
N ALA A 511 8.58 -10.33 18.84
CA ALA A 511 8.18 -10.19 20.26
C ALA A 511 9.36 -10.61 21.12
N ILE A 512 9.65 -9.80 22.12
CA ILE A 512 10.80 -9.98 23.05
C ILE A 512 10.27 -9.99 24.48
N VAL A 513 10.48 -11.08 25.20
CA VAL A 513 10.15 -11.17 26.65
C VAL A 513 11.47 -11.09 27.43
N ASP A 514 11.66 -9.97 28.10
CA ASP A 514 12.92 -9.62 28.78
C ASP A 514 12.82 -10.05 30.26
N GLU A 515 13.62 -11.03 30.67
CA GLU A 515 13.64 -11.54 32.08
C GLU A 515 12.26 -12.03 32.47
N PRO A 516 11.74 -13.10 31.86
CA PRO A 516 10.55 -13.75 32.38
C PRO A 516 10.97 -14.43 33.70
N THR A 517 10.09 -14.41 34.70
CA THR A 517 10.32 -14.96 36.08
C THR A 517 9.21 -15.98 36.40
N GLY A 518 9.57 -17.12 37.01
CA GLY A 518 8.64 -18.15 37.53
C GLY A 518 7.94 -18.90 36.41
N VAL A 519 8.58 -19.00 35.24
CA VAL A 519 7.93 -19.62 34.05
C VAL A 519 8.95 -20.44 33.27
N SER A 520 8.50 -21.28 32.34
CA SER A 520 9.40 -21.93 31.36
C SER A 520 9.96 -20.79 30.51
N ALA A 521 11.23 -20.43 30.70
CA ALA A 521 11.90 -19.30 30.02
C ALA A 521 12.43 -19.74 28.65
N PHE A 522 11.55 -19.89 27.66
CA PHE A 522 11.93 -20.24 26.27
C PHE A 522 11.22 -19.29 25.33
N GLY A 523 11.84 -19.03 24.18
CA GLY A 523 11.25 -18.20 23.11
C GLY A 523 9.90 -18.76 22.70
N SER A 524 9.83 -20.08 22.47
CA SER A 524 8.62 -20.79 22.00
C SER A 524 7.46 -20.53 22.95
N THR A 525 7.67 -20.60 24.27
CA THR A 525 6.56 -20.64 25.26
C THR A 525 6.24 -19.24 25.78
N THR A 526 7.19 -18.33 25.82
CA THR A 526 6.94 -16.96 26.30
C THR A 526 6.55 -16.07 25.12
N ALA A 527 7.32 -16.08 24.03
CA ALA A 527 7.17 -15.08 22.95
C ALA A 527 6.33 -15.65 21.82
N GLY A 528 6.37 -16.94 21.58
CA GLY A 528 5.58 -17.57 20.49
C GLY A 528 4.10 -17.21 20.55
N PRO A 529 3.43 -17.33 21.73
CA PRO A 529 2.01 -16.96 21.84
C PRO A 529 1.78 -15.47 21.56
N ILE A 530 2.76 -14.61 21.79
CA ILE A 530 2.60 -13.16 21.49
C ILE A 530 2.47 -13.05 19.97
N VAL A 531 3.42 -13.64 19.26
CA VAL A 531 3.47 -13.54 17.76
C VAL A 531 2.21 -14.19 17.18
N LYS A 532 1.83 -15.37 17.66
CA LYS A 532 0.62 -16.09 17.24
C LYS A 532 -0.62 -15.21 17.42
N GLU A 533 -0.87 -14.65 18.59
CA GLU A 533 -2.04 -13.75 18.79
C GLU A 533 -1.99 -12.57 17.81
N ILE A 534 -0.86 -11.84 17.74
CA ILE A 534 -0.78 -10.62 16.90
C ILE A 534 -1.01 -11.05 15.45
N MET A 535 -0.38 -12.13 15.01
CA MET A 535 -0.52 -12.61 13.61
C MET A 535 -1.97 -13.01 13.34
N ASN A 536 -2.55 -13.81 14.22
CA ASN A 536 -3.95 -14.31 14.08
C ASN A 536 -4.87 -13.10 13.90
N ASP A 537 -4.85 -12.14 14.84
CA ASP A 537 -5.80 -11.00 14.80
C ASP A 537 -5.48 -10.09 13.60
N SER A 538 -4.19 -9.85 13.29
CA SER A 538 -3.76 -8.88 12.25
C SER A 538 -4.04 -9.44 10.86
N LEU A 539 -3.70 -10.69 10.59
CA LEU A 539 -3.97 -11.29 9.25
C LEU A 539 -5.47 -11.29 8.93
N LYS A 540 -6.33 -11.51 9.92
CA LYS A 540 -7.80 -11.52 9.71
C LYS A 540 -8.28 -10.09 9.50
N TYR A 541 -7.75 -9.13 10.27
CA TYR A 541 -8.05 -7.70 10.04
C TYR A 541 -7.64 -7.31 8.62
N LEU A 542 -6.49 -7.78 8.15
CA LEU A 542 -5.89 -7.40 6.84
C LEU A 542 -6.62 -8.10 5.69
N GLY A 543 -7.47 -9.06 6.00
CA GLY A 543 -8.18 -9.86 4.99
C GLY A 543 -7.26 -10.78 4.23
N VAL A 544 -6.18 -11.28 4.85
CA VAL A 544 -5.29 -12.29 4.18
C VAL A 544 -6.13 -13.57 4.00
N LYS A 545 -6.21 -14.05 2.76
CA LYS A 545 -7.04 -15.23 2.43
C LYS A 545 -6.32 -16.47 2.94
N PRO A 546 -6.98 -17.32 3.75
CA PRO A 546 -6.39 -18.59 4.16
C PRO A 546 -6.28 -19.57 2.97
N VAL A 547 -5.21 -20.34 2.97
CA VAL A 547 -4.95 -21.44 2.01
C VAL A 547 -4.63 -22.69 2.86
N TYR A 548 -5.48 -23.72 2.82
CA TYR A 548 -5.36 -24.96 3.66
C TYR A 548 -4.75 -26.13 2.86
N ILE B 18 -2.87 -17.96 -49.39
CA ILE B 18 -2.11 -17.02 -48.51
C ILE B 18 -3.09 -16.04 -47.86
N GLU B 19 -3.31 -16.18 -46.55
CA GLU B 19 -4.07 -15.21 -45.72
C GLU B 19 -3.34 -13.88 -45.80
N PRO B 20 -3.95 -12.82 -46.39
CA PRO B 20 -3.26 -11.55 -46.58
C PRO B 20 -2.98 -10.81 -45.26
N LYS B 21 -1.92 -10.00 -45.29
CA LYS B 21 -1.50 -9.07 -44.22
C LYS B 21 -2.71 -8.26 -43.74
N ARG B 22 -2.86 -8.11 -42.43
CA ARG B 22 -3.85 -7.18 -41.86
C ARG B 22 -3.40 -5.73 -42.04
N GLY B 23 -4.31 -4.79 -41.99
CA GLY B 23 -3.99 -3.36 -41.89
C GLY B 23 -3.12 -3.08 -40.67
N THR B 24 -2.26 -2.07 -40.76
CA THR B 24 -1.40 -1.60 -39.65
C THR B 24 -2.26 -0.74 -38.72
N ILE B 25 -2.03 -0.87 -37.42
CA ILE B 25 -2.62 0.02 -36.39
C ILE B 25 -1.51 0.98 -35.97
N TYR B 26 -1.80 2.28 -36.02
CA TYR B 26 -0.85 3.38 -35.72
C TYR B 26 -1.34 4.08 -34.46
N ASP B 27 -0.44 4.66 -33.69
CA ASP B 27 -0.81 5.70 -32.70
C ASP B 27 -1.07 6.95 -33.51
N ARG B 28 -1.48 8.03 -32.85
CA ARG B 28 -1.88 9.30 -33.50
C ARG B 28 -0.67 10.00 -34.12
N ASN B 29 0.56 9.70 -33.69
CA ASN B 29 1.79 10.24 -34.34
C ASN B 29 2.30 9.26 -35.41
N MET B 30 1.47 8.34 -35.87
CA MET B 30 1.78 7.35 -36.94
C MET B 30 2.95 6.45 -36.55
N LYS B 31 3.16 6.21 -35.27
CA LYS B 31 4.02 5.08 -34.81
C LYS B 31 3.24 3.78 -35.02
N GLU B 32 3.89 2.76 -35.55
CA GLU B 32 3.31 1.41 -35.72
C GLU B 32 3.08 0.77 -34.35
N LEU B 33 1.85 0.34 -34.05
CA LEU B 33 1.51 -0.36 -32.79
C LEU B 33 1.23 -1.85 -33.07
N ALA B 34 0.70 -2.15 -34.25
CA ALA B 34 0.37 -3.52 -34.72
C ALA B 34 0.61 -3.59 -36.22
N VAL B 35 1.47 -4.52 -36.64
CA VAL B 35 1.82 -4.66 -38.08
C VAL B 35 1.98 -6.14 -38.42
N SER B 36 1.49 -6.54 -39.60
CA SER B 36 1.75 -7.88 -40.17
C SER B 36 3.09 -7.89 -40.92
N VAL B 37 3.92 -8.88 -40.62
CA VAL B 37 5.29 -9.08 -41.19
C VAL B 37 5.30 -10.40 -41.98
N THR B 38 5.88 -10.39 -43.17
CA THR B 38 5.99 -11.57 -44.09
C THR B 38 7.02 -12.55 -43.54
N LYS B 39 6.59 -13.68 -42.98
CA LYS B 39 7.49 -14.82 -42.67
C LYS B 39 7.22 -15.96 -43.67
N TYR B 40 7.83 -17.13 -43.48
CA TYR B 40 7.70 -18.27 -44.42
C TYR B 40 7.39 -19.53 -43.64
N THR B 41 6.51 -20.38 -44.19
CA THR B 41 6.15 -21.69 -43.57
C THR B 41 6.63 -22.81 -44.52
N VAL B 42 7.20 -23.88 -43.94
CA VAL B 42 7.68 -25.08 -44.68
C VAL B 42 6.52 -26.08 -44.77
N TRP B 43 6.08 -26.37 -45.98
CA TRP B 43 4.97 -27.30 -46.27
C TRP B 43 5.54 -28.62 -46.81
N CYS B 44 4.83 -29.72 -46.60
CA CYS B 44 5.13 -31.05 -47.19
C CYS B 44 3.85 -31.67 -47.78
N LYS B 45 3.98 -32.26 -48.96
CA LYS B 45 2.96 -33.15 -49.57
C LYS B 45 3.55 -34.56 -49.55
N PRO B 46 3.35 -35.36 -48.48
CA PRO B 46 4.14 -36.57 -48.23
C PRO B 46 4.27 -37.59 -49.38
N VAL B 47 3.25 -37.72 -50.23
CA VAL B 47 3.19 -38.72 -51.34
C VAL B 47 4.13 -38.30 -52.50
N GLU B 48 4.94 -37.26 -52.34
CA GLU B 48 5.92 -36.77 -53.37
C GLU B 48 7.34 -36.63 -52.81
N VAL B 49 7.56 -36.92 -51.52
CA VAL B 49 8.91 -36.94 -50.92
C VAL B 49 9.49 -38.32 -51.23
N GLU B 50 10.07 -38.47 -52.43
CA GLU B 50 10.47 -39.75 -53.05
C GLU B 50 11.60 -40.42 -52.24
N ASP B 51 12.41 -39.63 -51.52
CA ASP B 51 13.50 -40.13 -50.64
C ASP B 51 13.30 -39.50 -49.24
N LYS B 52 12.45 -40.13 -48.42
CA LYS B 52 11.87 -39.49 -47.19
C LYS B 52 12.97 -39.18 -46.19
N LYS B 53 13.57 -40.19 -45.55
CA LYS B 53 14.49 -39.94 -44.40
C LYS B 53 15.81 -39.31 -44.90
N GLU B 54 16.11 -39.38 -46.19
CA GLU B 54 17.25 -38.62 -46.77
C GLU B 54 16.85 -37.14 -46.87
N ALA B 55 15.65 -36.85 -47.38
CA ALA B 55 15.05 -35.50 -47.50
C ALA B 55 14.83 -34.88 -46.11
N ALA B 56 14.55 -35.71 -45.09
CA ALA B 56 14.22 -35.31 -43.70
C ALA B 56 15.49 -35.13 -42.86
N GLU B 57 16.64 -35.64 -43.32
CA GLU B 57 17.95 -35.39 -42.67
C GLU B 57 18.35 -33.93 -42.96
N LYS B 58 18.19 -33.49 -44.22
CA LYS B 58 18.53 -32.12 -44.70
C LYS B 58 17.70 -31.08 -43.92
N VAL B 59 16.37 -31.21 -43.99
CA VAL B 59 15.37 -30.27 -43.37
C VAL B 59 15.59 -30.21 -41.85
N ALA B 60 16.04 -31.31 -41.24
CA ALA B 60 16.26 -31.43 -39.78
C ALA B 60 17.35 -30.44 -39.32
N GLU B 61 18.40 -30.29 -40.13
CA GLU B 61 19.57 -29.42 -39.84
C GLU B 61 19.19 -27.96 -40.10
N ILE B 62 18.82 -27.65 -41.34
CA ILE B 62 18.47 -26.29 -41.85
C ILE B 62 17.57 -25.60 -40.83
N LEU B 63 16.53 -26.32 -40.41
CA LEU B 63 15.55 -25.80 -39.43
C LEU B 63 16.02 -26.10 -38.02
N ASP B 64 17.08 -26.91 -37.90
CA ASP B 64 17.61 -27.39 -36.59
C ASP B 64 16.55 -28.20 -35.82
N GLU B 65 15.94 -29.21 -36.47
CA GLU B 65 14.92 -30.07 -35.81
C GLU B 65 15.49 -31.45 -35.43
N ASP B 66 14.77 -32.21 -34.59
CA ASP B 66 15.21 -33.44 -33.86
C ASP B 66 15.51 -34.63 -34.80
N TYR B 67 15.51 -34.45 -36.13
CA TYR B 67 15.81 -35.50 -37.14
C TYR B 67 14.68 -36.55 -37.19
N LYS B 68 13.90 -36.64 -36.12
CA LYS B 68 12.75 -37.57 -35.93
C LYS B 68 11.44 -36.81 -36.18
N ASP B 69 11.25 -35.69 -35.44
CA ASP B 69 10.06 -34.81 -35.51
C ASP B 69 9.75 -34.45 -36.97
N ILE B 70 10.80 -34.23 -37.78
CA ILE B 70 10.68 -33.84 -39.22
C ILE B 70 10.29 -35.07 -40.04
N TYR B 71 10.97 -36.20 -39.84
CA TYR B 71 10.66 -37.47 -40.55
C TYR B 71 9.20 -37.84 -40.28
N ALA B 72 8.83 -37.92 -38.99
CA ALA B 72 7.47 -38.25 -38.49
C ALA B 72 6.41 -37.46 -39.27
N LEU B 73 6.66 -36.17 -39.50
CA LEU B 73 5.73 -35.22 -40.17
C LEU B 73 5.66 -35.51 -41.69
N ILE B 74 6.80 -35.71 -42.36
CA ILE B 74 6.85 -35.89 -43.85
C ILE B 74 6.43 -37.32 -44.23
N SER B 75 6.52 -38.27 -43.29
CA SER B 75 6.16 -39.71 -43.47
C SER B 75 4.72 -39.99 -43.00
N LYS B 76 3.82 -39.01 -43.12
CA LYS B 76 2.40 -39.13 -42.72
C LYS B 76 1.67 -39.83 -43.85
N LYS B 77 1.00 -40.95 -43.54
CA LYS B 77 0.39 -41.87 -44.54
C LYS B 77 -0.91 -41.25 -45.04
N ASN B 78 -1.61 -40.49 -44.18
CA ASN B 78 -3.04 -40.16 -44.38
C ASN B 78 -3.28 -38.64 -44.45
N MET B 79 -2.29 -37.83 -44.88
CA MET B 79 -2.44 -36.34 -45.02
C MET B 79 -1.94 -35.85 -46.39
N ALA B 80 -2.74 -35.04 -47.08
CA ALA B 80 -2.43 -34.41 -48.39
C ALA B 80 -1.40 -33.28 -48.20
N LEU B 81 -1.58 -32.45 -47.17
CA LEU B 81 -0.63 -31.36 -46.80
C LEU B 81 -0.25 -31.52 -45.32
N VAL B 82 1.04 -31.36 -45.01
CA VAL B 82 1.58 -31.24 -43.62
C VAL B 82 2.44 -29.97 -43.50
N LYS B 83 2.22 -29.18 -42.45
CA LYS B 83 3.09 -28.04 -42.06
C LYS B 83 4.30 -28.59 -41.31
N VAL B 84 5.50 -28.45 -41.88
CA VAL B 84 6.78 -28.91 -41.25
C VAL B 84 7.17 -27.92 -40.15
N LYS B 85 7.26 -26.62 -40.46
CA LYS B 85 7.62 -25.55 -39.48
C LYS B 85 7.06 -24.19 -39.91
N ARG B 86 6.44 -23.47 -38.97
CA ARG B 86 5.72 -22.19 -39.22
C ARG B 86 6.66 -21.02 -38.91
N TRP B 87 6.59 -19.96 -39.74
CA TRP B 87 7.18 -18.62 -39.44
C TRP B 87 8.71 -18.73 -39.29
N ILE B 88 9.38 -19.20 -40.35
CA ILE B 88 10.87 -19.28 -40.45
C ILE B 88 11.35 -18.04 -41.22
N ASP B 89 12.66 -17.76 -41.16
CA ASP B 89 13.30 -16.51 -41.67
C ASP B 89 13.65 -16.69 -43.16
N ASP B 90 13.90 -15.58 -43.87
CA ASP B 90 14.00 -15.52 -45.36
C ASP B 90 15.20 -16.33 -45.89
N ASP B 91 16.26 -16.46 -45.07
CA ASP B 91 17.50 -17.22 -45.41
C ASP B 91 17.13 -18.69 -45.62
N LYS B 92 16.40 -19.26 -44.65
CA LYS B 92 15.94 -20.67 -44.60
C LYS B 92 14.87 -20.89 -45.68
N ALA B 93 14.05 -19.89 -45.96
CA ALA B 93 13.01 -19.93 -47.02
C ALA B 93 13.68 -20.21 -48.38
N SER B 94 14.68 -19.42 -48.77
CA SER B 94 15.41 -19.60 -50.06
C SER B 94 16.40 -20.79 -49.97
N GLN B 95 16.75 -21.27 -48.77
CA GLN B 95 17.53 -22.52 -48.56
C GLN B 95 16.68 -23.75 -48.95
N ILE B 96 15.43 -23.80 -48.45
CA ILE B 96 14.42 -24.85 -48.75
C ILE B 96 14.07 -24.78 -50.24
N ARG B 97 13.83 -23.59 -50.79
CA ARG B 97 13.52 -23.42 -52.24
C ARG B 97 14.68 -23.97 -53.09
N ASP B 98 15.92 -23.80 -52.64
CA ASP B 98 17.18 -24.11 -53.38
C ASP B 98 17.54 -25.61 -53.31
N ALA B 99 16.96 -26.35 -52.37
CA ALA B 99 17.10 -27.82 -52.24
C ALA B 99 16.14 -28.53 -53.22
N LYS B 100 15.14 -27.79 -53.74
CA LYS B 100 14.21 -28.23 -54.82
C LYS B 100 13.80 -29.70 -54.62
N LEU B 101 13.35 -30.06 -53.43
CA LEU B 101 12.72 -31.39 -53.17
C LEU B 101 11.28 -31.31 -53.70
N SER B 102 10.76 -32.41 -54.23
CA SER B 102 9.47 -32.48 -54.98
C SER B 102 8.27 -32.29 -54.04
N GLY B 103 8.32 -32.89 -52.84
CA GLY B 103 7.19 -32.90 -51.89
C GLY B 103 7.32 -31.88 -50.77
N ILE B 104 8.28 -30.94 -50.87
CA ILE B 104 8.65 -29.97 -49.79
C ILE B 104 8.96 -28.60 -50.40
N TRP B 105 8.21 -27.57 -50.01
CA TRP B 105 8.37 -26.16 -50.47
C TRP B 105 8.14 -25.17 -49.32
N VAL B 106 8.31 -23.87 -49.58
CA VAL B 106 7.99 -22.78 -48.62
C VAL B 106 7.01 -21.80 -49.27
N ALA B 107 6.07 -21.31 -48.47
CA ALA B 107 5.02 -20.31 -48.83
C ALA B 107 5.12 -19.15 -47.84
N GLU B 108 4.68 -17.96 -48.27
CA GLU B 108 4.60 -16.77 -47.39
C GLU B 108 3.63 -17.13 -46.26
N ASP B 109 3.84 -16.56 -45.09
CA ASP B 109 2.95 -16.70 -43.92
C ASP B 109 3.18 -15.49 -42.99
N ASN B 110 2.21 -14.59 -42.94
CA ASN B 110 2.31 -13.29 -42.25
C ASN B 110 2.13 -13.52 -40.74
N GLN B 111 2.98 -12.90 -39.94
CA GLN B 111 2.89 -12.88 -38.45
C GLN B 111 2.51 -11.46 -37.97
N ARG B 112 1.56 -11.36 -37.04
CA ARG B 112 1.20 -10.11 -36.32
C ARG B 112 2.24 -9.81 -35.22
N TYR B 113 2.82 -8.62 -35.23
CA TYR B 113 3.85 -8.16 -34.27
C TYR B 113 3.38 -6.83 -33.66
N TYR B 114 3.65 -6.66 -32.37
CA TYR B 114 3.36 -5.46 -31.55
C TYR B 114 4.71 -4.90 -31.12
N PRO B 115 5.27 -3.93 -31.87
CA PRO B 115 6.64 -3.46 -31.63
C PRO B 115 6.90 -3.01 -30.19
N TYR B 116 5.87 -2.51 -29.51
CA TYR B 116 6.07 -2.03 -28.13
C TYR B 116 5.79 -3.15 -27.14
N GLY B 117 5.45 -4.32 -27.65
CA GLY B 117 5.24 -5.50 -26.79
C GLY B 117 4.10 -5.31 -25.82
N ASN B 118 4.41 -5.37 -24.54
CA ASN B 118 3.45 -5.25 -23.41
C ASN B 118 3.11 -3.77 -23.25
N PHE B 119 2.24 -3.26 -24.13
CA PHE B 119 1.89 -1.83 -24.25
C PHE B 119 0.49 -1.70 -24.83
N ALA B 120 -0.37 -0.94 -24.16
CA ALA B 120 -1.79 -0.74 -24.51
C ALA B 120 -2.46 -2.05 -24.96
N PRO B 121 -2.23 -3.20 -24.30
CA PRO B 121 -2.81 -4.47 -24.75
C PRO B 121 -4.35 -4.44 -24.69
N TYR B 122 -4.96 -3.68 -23.77
CA TYR B 122 -6.43 -3.66 -23.62
C TYR B 122 -7.06 -2.75 -24.69
N VAL B 123 -6.26 -1.97 -25.40
CA VAL B 123 -6.75 -1.16 -26.56
C VAL B 123 -6.52 -1.96 -27.84
N LEU B 124 -5.31 -2.47 -28.03
CA LEU B 124 -4.90 -3.13 -29.30
C LEU B 124 -5.61 -4.48 -29.44
N GLY B 125 -5.64 -5.26 -28.36
CA GLY B 125 -6.03 -6.67 -28.43
C GLY B 125 -5.01 -7.48 -29.20
N HIS B 126 -5.45 -8.56 -29.83
CA HIS B 126 -4.58 -9.54 -30.52
C HIS B 126 -5.42 -10.44 -31.41
N THR B 127 -4.76 -11.27 -32.21
CA THR B 127 -5.39 -12.15 -33.21
C THR B 127 -5.11 -13.60 -32.79
N SER B 128 -5.92 -14.54 -33.31
CA SER B 128 -5.67 -16.00 -33.37
C SER B 128 -4.73 -16.30 -34.54
N SER B 129 -4.28 -17.57 -34.64
CA SER B 129 -3.19 -18.01 -35.54
C SER B 129 -3.61 -17.82 -37.00
N ASP B 130 -4.92 -17.73 -37.26
CA ASP B 130 -5.49 -17.48 -38.61
C ASP B 130 -5.70 -15.98 -38.86
N ALA B 131 -5.01 -15.09 -38.12
CA ALA B 131 -5.07 -13.61 -38.24
C ALA B 131 -6.51 -13.05 -38.16
N THR B 132 -7.36 -13.65 -37.33
CA THR B 132 -8.68 -13.09 -36.89
C THR B 132 -8.48 -12.39 -35.53
N GLY B 133 -8.93 -11.14 -35.43
CA GLY B 133 -8.90 -10.40 -34.17
C GLY B 133 -9.87 -10.99 -33.17
N ILE B 134 -9.39 -11.32 -31.97
CA ILE B 134 -10.23 -11.96 -30.90
C ILE B 134 -10.35 -11.05 -29.66
N SER B 135 -9.60 -9.95 -29.55
CA SER B 135 -9.88 -8.86 -28.56
C SER B 135 -9.43 -7.49 -29.08
N GLY B 136 -9.85 -6.43 -28.37
CA GLY B 136 -9.46 -5.03 -28.60
C GLY B 136 -9.88 -4.53 -29.95
N VAL B 137 -9.11 -3.56 -30.47
CA VAL B 137 -9.34 -2.97 -31.82
C VAL B 137 -9.19 -4.08 -32.87
N GLU B 138 -8.28 -5.00 -32.68
CA GLU B 138 -8.09 -6.12 -33.63
C GLU B 138 -9.44 -6.79 -33.92
N MET B 139 -10.30 -6.97 -32.90
CA MET B 139 -11.61 -7.63 -33.08
C MET B 139 -12.67 -6.62 -33.54
N GLN B 140 -12.77 -5.48 -32.87
CA GLN B 140 -13.82 -4.47 -33.15
C GLN B 140 -13.71 -4.04 -34.62
N TYR B 141 -12.50 -3.89 -35.15
CA TYR B 141 -12.28 -3.44 -36.55
C TYR B 141 -11.72 -4.58 -37.41
N ASP B 142 -12.08 -5.83 -37.11
CA ASP B 142 -11.56 -7.02 -37.83
C ASP B 142 -11.86 -6.87 -39.33
N LYS B 143 -13.05 -6.42 -39.67
CA LYS B 143 -13.53 -6.30 -41.08
C LYS B 143 -12.69 -5.23 -41.78
N LYS B 144 -12.54 -4.05 -41.16
CA LYS B 144 -11.77 -2.90 -41.70
C LYS B 144 -10.31 -3.25 -41.88
N LEU B 145 -9.71 -4.08 -41.02
CA LEU B 145 -8.27 -4.42 -41.02
C LEU B 145 -7.95 -5.54 -42.01
N LYS B 146 -8.91 -6.38 -42.39
CA LYS B 146 -8.62 -7.66 -43.10
C LYS B 146 -8.23 -7.39 -44.55
N GLY B 147 -7.22 -8.11 -45.02
CA GLY B 147 -6.74 -7.96 -46.41
C GLY B 147 -7.64 -8.59 -47.46
N LYS B 148 -7.35 -8.33 -48.72
CA LYS B 148 -8.13 -8.93 -49.82
C LYS B 148 -7.48 -10.26 -50.16
N PRO B 149 -8.25 -11.36 -50.26
CA PRO B 149 -7.68 -12.69 -50.55
C PRO B 149 -7.49 -13.01 -52.04
N PRO B 173 -2.54 -11.49 -52.76
CA PRO B 173 -2.67 -10.87 -51.43
C PRO B 173 -2.59 -9.35 -51.48
N VAL B 174 -3.65 -8.66 -51.04
CA VAL B 174 -3.70 -7.18 -50.80
C VAL B 174 -3.81 -6.93 -49.29
N GLN B 175 -2.81 -6.28 -48.71
CA GLN B 175 -2.81 -5.89 -47.27
C GLN B 175 -4.08 -5.08 -47.01
N GLY B 176 -4.69 -5.25 -45.83
CA GLY B 176 -5.90 -4.53 -45.41
C GLY B 176 -5.61 -3.05 -45.18
N ASN B 177 -6.67 -2.26 -45.08
CA ASN B 177 -6.67 -0.85 -44.64
C ASN B 177 -6.28 -0.79 -43.15
N GLY B 178 -5.66 0.30 -42.77
CA GLY B 178 -5.05 0.50 -41.44
C GLY B 178 -5.90 1.46 -40.64
N LEU B 179 -5.59 1.57 -39.35
CA LEU B 179 -6.30 2.46 -38.41
C LEU B 179 -5.28 3.39 -37.78
N VAL B 180 -5.69 4.62 -37.52
CA VAL B 180 -4.93 5.56 -36.65
C VAL B 180 -5.73 5.66 -35.36
N LEU B 181 -5.15 5.25 -34.24
CA LEU B 181 -5.84 5.35 -32.94
C LEU B 181 -5.77 6.80 -32.48
N SER B 182 -6.67 7.18 -31.57
CA SER B 182 -6.59 8.44 -30.78
C SER B 182 -5.43 8.33 -29.78
N ILE B 183 -5.02 7.11 -29.44
CA ILE B 183 -3.95 6.84 -28.43
C ILE B 183 -2.67 7.54 -28.91
N ASP B 184 -2.03 8.23 -28.00
CA ASP B 184 -0.72 8.89 -28.18
C ASP B 184 0.28 8.03 -27.43
N GLU B 185 1.30 7.51 -28.11
CA GLU B 185 2.23 6.51 -27.53
C GLU B 185 3.04 7.15 -26.40
N VAL B 186 3.27 8.47 -26.44
CA VAL B 186 4.02 9.18 -25.37
C VAL B 186 3.15 9.20 -24.11
N ILE B 187 1.87 9.59 -24.23
CA ILE B 187 0.93 9.70 -23.07
C ILE B 187 0.63 8.28 -22.56
N GLN B 188 0.48 7.32 -23.47
CA GLN B 188 0.33 5.90 -23.10
C GLN B 188 1.53 5.42 -22.26
N HIS B 189 2.75 5.78 -22.64
N HIS B 189 2.75 5.77 -22.65
CA HIS B 189 3.98 5.42 -21.89
CA HIS B 189 3.98 5.41 -21.87
C HIS B 189 3.93 6.05 -20.49
C HIS B 189 3.87 6.04 -20.48
N TYR B 190 3.55 7.33 -20.38
CA TYR B 190 3.40 8.02 -19.06
C TYR B 190 2.34 7.28 -18.23
N THR B 191 1.25 6.87 -18.86
CA THR B 191 0.13 6.21 -18.15
C THR B 191 0.58 4.83 -17.65
N GLU B 192 1.18 4.01 -18.51
CA GLU B 192 1.68 2.65 -18.18
C GLU B 192 2.68 2.77 -17.02
N LYS B 193 3.62 3.71 -17.11
CA LYS B 193 4.69 3.94 -16.11
C LYS B 193 4.05 4.26 -14.74
N ALA B 194 3.11 5.20 -14.70
CA ALA B 194 2.41 5.63 -13.47
C ALA B 194 1.63 4.44 -12.89
N VAL B 195 0.96 3.70 -13.76
CA VAL B 195 0.03 2.60 -13.33
C VAL B 195 0.86 1.43 -12.81
N GLN B 196 2.00 1.12 -13.44
CA GLN B 196 2.93 0.01 -13.02
C GLN B 196 3.52 0.39 -11.65
N LYS B 197 3.98 1.64 -11.50
CA LYS B 197 4.55 2.11 -10.22
C LYS B 197 3.50 1.95 -9.11
N ALA B 198 2.25 2.34 -9.37
CA ALA B 198 1.17 2.29 -8.38
C ALA B 198 0.84 0.84 -8.07
N TYR B 199 0.85 -0.03 -9.10
CA TYR B 199 0.51 -1.47 -8.95
C TYR B 199 1.48 -2.10 -7.93
N GLU B 200 2.77 -1.79 -8.03
CA GLU B 200 3.88 -2.27 -7.15
C GLU B 200 3.75 -1.62 -5.75
N LEU B 201 3.65 -0.30 -5.69
CA LEU B 201 3.65 0.49 -4.43
C LEU B 201 2.49 0.09 -3.53
N ASN B 202 1.33 -0.25 -4.11
CA ASN B 202 0.04 -0.43 -3.41
C ASN B 202 -0.31 -1.91 -3.29
N ASN B 203 0.53 -2.79 -3.86
CA ASN B 203 0.33 -4.26 -3.83
C ASN B 203 -1.14 -4.55 -4.14
N ALA B 204 -1.70 -3.92 -5.17
CA ALA B 204 -3.14 -3.90 -5.50
C ALA B 204 -3.55 -5.14 -6.28
N LYS B 205 -4.84 -5.43 -6.31
CA LYS B 205 -5.39 -6.46 -7.21
C LYS B 205 -5.23 -5.93 -8.66
N LYS B 206 -5.65 -4.68 -8.94
CA LYS B 206 -5.36 -4.01 -10.23
C LYS B 206 -5.31 -2.48 -10.09
N VAL B 207 -4.58 -1.87 -11.02
CA VAL B 207 -4.53 -0.40 -11.22
C VAL B 207 -4.89 -0.12 -12.68
N THR B 208 -5.83 0.81 -12.87
CA THR B 208 -6.41 1.23 -14.16
C THR B 208 -6.36 2.76 -14.26
N ALA B 209 -5.92 3.28 -15.41
CA ALA B 209 -6.00 4.72 -15.74
C ALA B 209 -6.40 4.90 -17.22
N ILE B 210 -7.31 5.86 -17.45
CA ILE B 210 -7.78 6.36 -18.75
C ILE B 210 -7.47 7.85 -18.79
N ALA B 211 -6.82 8.31 -19.87
CA ALA B 211 -6.68 9.73 -20.23
C ALA B 211 -7.60 9.99 -21.42
N MET B 212 -8.43 11.02 -21.31
CA MET B 212 -9.43 11.39 -22.35
C MET B 212 -9.19 12.85 -22.76
N ASN B 213 -9.38 13.15 -24.04
CA ASN B 213 -9.54 14.53 -24.53
C ASN B 213 -11.02 14.89 -24.37
N PRO B 214 -11.38 15.75 -23.39
CA PRO B 214 -12.78 16.01 -23.10
C PRO B 214 -13.50 16.72 -24.28
N LYS B 215 -12.77 17.44 -25.15
CA LYS B 215 -13.35 18.22 -26.26
C LYS B 215 -13.79 17.29 -27.38
N THR B 216 -13.15 16.15 -27.55
CA THR B 216 -13.35 15.28 -28.73
C THR B 216 -13.91 13.92 -28.32
N GLY B 217 -13.75 13.50 -27.07
CA GLY B 217 -14.08 12.12 -26.63
C GLY B 217 -12.97 11.13 -26.97
N ASP B 218 -11.85 11.60 -27.55
CA ASP B 218 -10.71 10.74 -27.93
C ASP B 218 -10.04 10.21 -26.65
N ILE B 219 -9.77 8.91 -26.62
CA ILE B 219 -8.94 8.25 -25.57
C ILE B 219 -7.47 8.46 -25.92
N LEU B 220 -6.72 9.21 -25.12
CA LEU B 220 -5.26 9.42 -25.32
C LEU B 220 -4.46 8.22 -24.78
N ALA B 221 -4.96 7.58 -23.73
CA ALA B 221 -4.31 6.40 -23.12
C ALA B 221 -5.33 5.58 -22.33
N LEU B 222 -5.08 4.28 -22.28
CA LEU B 222 -5.85 3.33 -21.46
C LEU B 222 -4.93 2.19 -21.05
N ALA B 223 -4.62 2.14 -19.77
CA ALA B 223 -3.68 1.14 -19.23
C ALA B 223 -4.28 0.43 -18.02
N SER B 224 -3.84 -0.79 -17.78
CA SER B 224 -4.29 -1.59 -16.62
C SER B 224 -3.24 -2.64 -16.27
N LYS B 225 -2.83 -2.68 -15.01
CA LYS B 225 -1.90 -3.71 -14.52
C LYS B 225 -2.64 -4.50 -13.44
N PRO B 226 -2.59 -5.85 -13.47
CA PRO B 226 -1.78 -6.59 -14.43
C PRO B 226 -2.39 -6.60 -15.84
N ASP B 227 -1.56 -6.74 -16.87
CA ASP B 227 -2.01 -6.90 -18.27
C ASP B 227 -1.22 -8.06 -18.91
N TYR B 228 -1.14 -8.11 -20.23
CA TYR B 228 -0.46 -9.21 -20.95
C TYR B 228 0.24 -8.65 -22.19
N ASP B 229 0.99 -9.51 -22.90
CA ASP B 229 1.80 -9.19 -24.09
C ASP B 229 1.08 -9.78 -25.28
N PRO B 230 0.57 -8.93 -26.20
CA PRO B 230 -0.23 -9.41 -27.32
C PRO B 230 0.61 -10.18 -28.35
N ASN B 231 1.94 -10.03 -28.29
CA ASN B 231 2.91 -10.83 -29.09
C ASN B 231 2.85 -12.29 -28.66
N ASP B 232 2.53 -12.56 -27.40
CA ASP B 232 2.45 -13.94 -26.84
C ASP B 232 1.27 -14.00 -25.87
N SER B 233 0.05 -14.08 -26.41
CA SER B 233 -1.18 -13.67 -25.72
C SER B 233 -1.66 -14.70 -24.68
N ARG B 234 -1.02 -15.88 -24.58
CA ARG B 234 -1.43 -16.95 -23.63
C ARG B 234 -0.34 -17.19 -22.56
N THR B 235 0.81 -16.54 -22.65
CA THR B 235 1.89 -16.64 -21.64
C THR B 235 1.74 -15.53 -20.60
N PRO B 236 1.26 -15.79 -19.36
CA PRO B 236 1.15 -14.75 -18.35
C PRO B 236 2.51 -14.07 -18.13
N ILE B 237 2.51 -12.75 -17.98
CA ILE B 237 3.78 -12.01 -17.71
C ILE B 237 3.74 -11.43 -16.31
N TYR B 238 2.63 -11.61 -15.59
CA TYR B 238 2.48 -11.15 -14.17
C TYR B 238 2.21 -12.36 -13.29
N PRO B 239 2.81 -12.43 -12.08
CA PRO B 239 2.49 -13.48 -11.13
C PRO B 239 0.97 -13.70 -11.00
N TYR B 240 0.19 -12.63 -10.94
CA TYR B 240 -1.26 -12.73 -10.69
C TYR B 240 -1.89 -13.67 -11.73
N TYR B 241 -1.54 -13.47 -13.01
CA TYR B 241 -2.15 -14.25 -14.11
C TYR B 241 -1.54 -15.65 -14.17
N GLN B 242 -0.30 -15.78 -13.71
CA GLN B 242 0.40 -17.07 -13.60
C GLN B 242 -0.40 -17.96 -12.64
N GLU B 243 -0.89 -17.37 -11.56
CA GLU B 243 -1.70 -18.05 -10.51
C GLU B 243 -3.09 -18.37 -11.05
N GLU B 244 -3.79 -17.40 -11.65
CA GLU B 244 -5.23 -17.55 -12.01
C GLU B 244 -5.40 -18.58 -13.13
N LEU B 245 -4.41 -18.71 -14.04
CA LEU B 245 -4.46 -19.69 -15.15
C LEU B 245 -4.25 -21.11 -14.58
N GLU B 246 -3.35 -21.29 -13.61
CA GLU B 246 -3.04 -22.60 -12.97
C GLU B 246 -4.27 -23.15 -12.22
N LYS B 247 -5.32 -22.35 -12.03
CA LYS B 247 -6.60 -22.72 -11.36
C LYS B 247 -7.56 -23.43 -12.33
N TYR B 248 -7.25 -23.44 -13.63
CA TYR B 248 -8.07 -24.13 -14.67
C TYR B 248 -7.33 -25.40 -15.13
N ASN B 249 -8.08 -26.47 -15.41
CA ASN B 249 -7.58 -27.68 -16.11
C ASN B 249 -7.30 -27.28 -17.56
N ASP B 250 -6.31 -27.92 -18.21
CA ASP B 250 -5.82 -27.57 -19.58
C ASP B 250 -7.00 -27.51 -20.57
N LYS B 251 -7.96 -28.42 -20.39
CA LYS B 251 -9.21 -28.53 -21.18
C LYS B 251 -10.03 -27.23 -21.07
N ASP B 252 -10.05 -26.58 -19.89
CA ASP B 252 -10.94 -25.41 -19.58
C ASP B 252 -10.14 -24.09 -19.56
N LYS B 253 -8.98 -24.01 -20.21
CA LYS B 253 -8.02 -22.89 -19.98
C LYS B 253 -8.56 -21.61 -20.63
N ILE B 254 -9.63 -21.68 -21.44
CA ILE B 254 -10.13 -20.54 -22.27
C ILE B 254 -10.77 -19.47 -21.38
N LYS B 255 -11.49 -19.89 -20.33
CA LYS B 255 -12.11 -18.95 -19.35
C LYS B 255 -11.00 -18.14 -18.68
N GLY B 256 -9.84 -18.76 -18.47
CA GLY B 256 -8.64 -18.14 -17.90
C GLY B 256 -8.10 -17.09 -18.87
N TYR B 257 -7.98 -17.47 -20.13
CA TYR B 257 -7.43 -16.58 -21.18
C TYR B 257 -8.28 -15.31 -21.25
N TYR B 258 -9.60 -15.47 -21.35
CA TYR B 258 -10.60 -14.40 -21.56
C TYR B 258 -10.72 -13.51 -20.31
N GLN B 259 -10.27 -14.00 -19.16
CA GLN B 259 -10.14 -13.22 -17.89
C GLN B 259 -8.87 -12.36 -17.96
N MET B 260 -7.74 -12.91 -18.39
CA MET B 260 -6.50 -12.12 -18.59
C MET B 260 -6.72 -11.04 -19.66
N TRP B 261 -7.53 -11.32 -20.68
CA TRP B 261 -7.71 -10.44 -21.86
C TRP B 261 -8.73 -9.36 -21.58
N ARG B 262 -9.58 -9.54 -20.56
CA ARG B 262 -10.74 -8.65 -20.30
C ARG B 262 -10.19 -7.25 -19.99
N ASN B 263 -10.74 -6.24 -20.68
CA ASN B 263 -10.39 -4.82 -20.49
C ASN B 263 -11.19 -4.30 -19.30
N PRO B 264 -10.58 -4.13 -18.12
CA PRO B 264 -11.31 -3.66 -16.95
C PRO B 264 -11.93 -2.26 -17.14
N ALA B 265 -11.38 -1.43 -18.03
CA ALA B 265 -11.81 -0.02 -18.20
C ALA B 265 -13.20 0.02 -18.87
N VAL B 266 -13.56 -1.00 -19.65
CA VAL B 266 -14.86 -0.98 -20.40
C VAL B 266 -15.82 -2.09 -19.93
N SER B 267 -15.33 -3.14 -19.26
CA SER B 267 -16.09 -4.37 -18.93
C SER B 267 -16.36 -4.47 -17.42
N ASP B 268 -15.49 -3.92 -16.57
CA ASP B 268 -15.58 -4.01 -15.09
C ASP B 268 -16.40 -2.83 -14.58
N THR B 269 -17.39 -3.10 -13.74
CA THR B 269 -18.17 -2.08 -13.02
C THR B 269 -17.60 -1.96 -11.61
N TYR B 270 -17.80 -0.79 -11.00
CA TYR B 270 -17.38 -0.47 -9.62
C TYR B 270 -18.24 0.68 -9.09
N GLU B 271 -18.20 0.84 -7.76
CA GLU B 271 -18.89 1.92 -7.02
C GLU B 271 -17.93 3.10 -7.02
N PRO B 272 -18.27 4.22 -7.70
CA PRO B 272 -17.34 5.32 -7.88
C PRO B 272 -16.99 6.08 -6.61
N GLY B 273 -17.84 5.99 -5.60
CA GLY B 273 -17.55 6.74 -4.38
C GLY B 273 -17.74 8.21 -4.58
N SER B 274 -16.91 9.03 -3.95
CA SER B 274 -17.10 10.49 -3.93
C SER B 274 -16.81 11.20 -5.27
N THR B 275 -16.23 10.53 -6.26
CA THR B 275 -16.01 11.16 -7.58
C THR B 275 -17.39 11.45 -8.19
N PHE B 276 -18.40 10.70 -7.75
CA PHE B 276 -19.80 10.87 -8.17
C PHE B 276 -20.36 12.22 -7.67
N LYS B 277 -19.76 12.76 -6.62
CA LYS B 277 -20.21 14.07 -6.11
C LYS B 277 -20.08 15.12 -7.21
N LEU B 278 -19.24 14.87 -8.20
CA LEU B 278 -19.16 15.81 -9.37
C LEU B 278 -20.45 15.75 -10.20
N ILE B 279 -21.08 14.58 -10.31
CA ILE B 279 -22.39 14.39 -11.02
C ILE B 279 -23.52 15.05 -10.22
N THR B 280 -23.64 14.71 -8.95
CA THR B 280 -24.65 15.25 -8.00
C THR B 280 -24.58 16.78 -7.98
N SER B 281 -23.38 17.35 -7.81
CA SER B 281 -23.12 18.81 -7.74
C SER B 281 -23.58 19.51 -9.03
N SER B 282 -23.12 19.00 -10.18
CA SER B 282 -23.43 19.56 -11.52
C SER B 282 -24.96 19.63 -11.67
N SER B 283 -25.63 18.55 -11.25
CA SER B 283 -27.10 18.36 -11.34
C SER B 283 -27.81 19.39 -10.44
N ALA B 284 -27.38 19.49 -9.18
CA ALA B 284 -27.85 20.48 -8.18
C ALA B 284 -27.74 21.89 -8.76
N LEU B 285 -26.56 22.27 -9.23
CA LEU B 285 -26.30 23.63 -9.79
C LEU B 285 -27.14 23.88 -11.04
N GLU B 286 -27.27 22.90 -11.93
CA GLU B 286 -28.03 23.03 -13.19
C GLU B 286 -29.52 23.27 -12.90
N GLU B 287 -30.09 22.57 -11.91
CA GLU B 287 -31.52 22.73 -11.50
C GLU B 287 -31.71 24.05 -10.74
N GLY B 288 -30.66 24.60 -10.12
CA GLY B 288 -30.66 25.91 -9.44
C GLY B 288 -31.01 25.79 -7.96
N VAL B 289 -31.02 24.57 -7.41
CA VAL B 289 -31.44 24.28 -6.01
C VAL B 289 -30.40 24.79 -5.00
N ILE B 290 -29.26 25.31 -5.46
CA ILE B 290 -28.24 25.90 -4.53
C ILE B 290 -28.36 27.42 -4.63
N LYS B 291 -28.59 28.07 -3.48
CA LYS B 291 -28.78 29.54 -3.37
C LYS B 291 -27.40 30.20 -3.40
N ASP B 292 -27.32 31.43 -3.91
CA ASP B 292 -26.04 32.18 -4.08
C ASP B 292 -25.46 32.45 -2.68
N GLY B 293 -24.20 32.07 -2.45
CA GLY B 293 -23.51 32.18 -1.14
C GLY B 293 -24.24 31.45 -0.02
N GLU B 294 -25.02 30.44 -0.36
CA GLU B 294 -25.75 29.63 0.65
C GLU B 294 -24.73 28.95 1.56
N LYS B 295 -25.05 28.85 2.85
CA LYS B 295 -24.13 28.20 3.80
C LYS B 295 -24.71 26.84 4.15
N PHE B 296 -23.84 25.84 4.26
CA PHE B 296 -24.24 24.47 4.66
C PHE B 296 -23.48 24.17 5.95
N THR B 297 -24.18 23.67 6.95
CA THR B 297 -23.56 23.45 8.28
C THR B 297 -23.38 21.95 8.48
N CYS B 298 -22.16 21.53 8.78
CA CYS B 298 -21.84 20.14 9.16
C CYS B 298 -21.68 20.08 10.68
N THR B 299 -22.45 19.19 11.32
CA THR B 299 -22.34 18.84 12.77
C THR B 299 -22.09 17.33 12.91
N GLY B 300 -21.62 16.69 11.83
CA GLY B 300 -21.20 15.28 11.80
C GLY B 300 -22.27 14.34 11.24
N SER B 301 -23.51 14.82 11.09
CA SER B 301 -24.65 13.97 10.66
C SER B 301 -25.81 14.82 10.13
N VAL B 302 -26.72 14.17 9.39
CA VAL B 302 -28.04 14.71 8.94
C VAL B 302 -29.12 13.69 9.33
N THR B 303 -30.39 14.07 9.23
CA THR B 303 -31.59 13.20 9.33
C THR B 303 -32.35 13.25 8.00
N VAL B 304 -32.21 12.21 7.17
CA VAL B 304 -33.02 12.03 5.92
C VAL B 304 -34.05 10.94 6.22
N GLY B 305 -35.07 11.31 6.99
CA GLY B 305 -36.00 10.38 7.65
C GLY B 305 -35.42 9.82 8.93
N GLY B 306 -36.14 8.92 9.60
CA GLY B 306 -35.76 8.38 10.92
C GLY B 306 -34.31 7.93 10.95
N ARG B 307 -33.88 7.22 9.89
CA ARG B 307 -32.47 6.84 9.66
C ARG B 307 -31.61 8.10 9.51
N LYS B 308 -30.56 8.22 10.32
CA LYS B 308 -29.62 9.37 10.31
C LYS B 308 -28.34 8.96 9.56
N ILE B 309 -28.13 9.52 8.36
CA ILE B 309 -26.85 9.44 7.59
C ILE B 309 -25.84 10.34 8.31
N LYS B 310 -24.70 9.78 8.70
CA LYS B 310 -23.58 10.53 9.34
C LYS B 310 -22.60 10.97 8.25
N CYS B 311 -21.84 12.04 8.51
CA CYS B 311 -20.65 12.47 7.73
C CYS B 311 -19.51 11.47 7.96
N TRP B 312 -18.57 11.36 7.02
CA TRP B 312 -17.35 10.52 7.17
C TRP B 312 -16.44 11.10 8.28
N ARG B 313 -16.52 12.40 8.58
CA ARG B 313 -15.61 13.04 9.58
C ARG B 313 -16.40 13.61 10.79
N HIS B 314 -17.30 12.81 11.37
CA HIS B 314 -18.17 13.20 12.52
C HIS B 314 -17.36 13.39 13.82
N TYR B 315 -16.07 13.03 13.87
CA TYR B 315 -15.18 13.22 15.05
C TYR B 315 -14.85 14.71 15.22
N ARG B 316 -14.47 15.40 14.13
CA ARG B 316 -14.39 16.88 14.01
C ARG B 316 -15.35 17.30 12.91
N PRO B 317 -16.61 17.67 13.20
CA PRO B 317 -17.52 18.18 12.17
C PRO B 317 -16.91 19.40 11.46
N HIS B 318 -17.30 19.62 10.20
CA HIS B 318 -16.72 20.65 9.30
C HIS B 318 -17.20 22.04 9.69
N GLY B 319 -18.32 22.14 10.40
CA GLY B 319 -19.00 23.40 10.72
C GLY B 319 -19.63 24.00 9.48
N THR B 320 -19.57 25.33 9.37
CA THR B 320 -20.30 26.15 8.37
C THR B 320 -19.48 26.20 7.09
N GLN B 321 -20.09 25.86 5.95
CA GLN B 321 -19.36 25.64 4.67
C GLN B 321 -20.03 26.39 3.51
N GLU B 322 -19.24 27.15 2.73
CA GLU B 322 -19.67 27.50 1.34
C GLU B 322 -19.72 26.20 0.53
N PHE B 323 -20.51 26.17 -0.56
CA PHE B 323 -20.72 24.93 -1.34
C PHE B 323 -19.38 24.39 -1.83
N LYS B 324 -18.52 25.30 -2.30
CA LYS B 324 -17.10 25.06 -2.71
C LYS B 324 -16.44 24.17 -1.65
N GLN B 325 -16.56 24.58 -0.39
CA GLN B 325 -15.88 23.98 0.78
C GLN B 325 -16.52 22.62 1.09
N ALA B 326 -17.83 22.44 0.90
CA ALA B 326 -18.48 21.13 1.10
C ALA B 326 -17.84 20.11 0.15
N VAL B 327 -17.45 20.55 -1.06
CA VAL B 327 -16.89 19.66 -2.11
C VAL B 327 -15.43 19.38 -1.77
N GLN B 328 -14.68 20.40 -1.36
CA GLN B 328 -13.27 20.28 -0.89
C GLN B 328 -13.16 19.29 0.28
N ASN B 329 -14.12 19.31 1.21
CA ASN B 329 -14.13 18.50 2.46
C ASN B 329 -14.89 17.20 2.21
N SER B 330 -15.46 17.01 1.03
CA SER B 330 -16.26 15.81 0.70
C SER B 330 -17.28 15.55 1.82
N CYS B 331 -18.04 16.56 2.25
CA CYS B 331 -19.01 16.51 3.40
C CYS B 331 -20.30 15.80 2.98
N ASN B 332 -20.52 14.55 3.39
CA ASN B 332 -21.65 13.70 2.89
C ASN B 332 -23.00 14.37 3.18
N PRO B 333 -23.28 14.90 4.40
CA PRO B 333 -24.57 15.54 4.70
C PRO B 333 -25.06 16.56 3.66
N VAL B 334 -24.14 17.36 3.15
CA VAL B 334 -24.43 18.42 2.15
C VAL B 334 -25.00 17.78 0.88
N PHE B 335 -24.43 16.66 0.43
CA PHE B 335 -24.78 16.03 -0.87
C PHE B 335 -26.10 15.30 -0.70
N VAL B 336 -26.40 14.87 0.54
CA VAL B 336 -27.74 14.32 0.91
C VAL B 336 -28.77 15.43 0.74
N GLU B 337 -28.54 16.58 1.36
CA GLU B 337 -29.42 17.78 1.26
C GLU B 337 -29.65 18.09 -0.23
N LEU B 338 -28.57 18.16 -1.01
CA LEU B 338 -28.66 18.48 -2.46
C LEU B 338 -29.52 17.42 -3.16
N GLY B 339 -29.31 16.14 -2.86
CA GLY B 339 -30.10 15.03 -3.39
C GLY B 339 -31.59 15.18 -3.08
N SER B 340 -31.95 15.49 -1.83
CA SER B 340 -33.34 15.72 -1.35
C SER B 340 -33.98 16.86 -2.15
N ARG B 341 -33.24 17.95 -2.41
CA ARG B 341 -33.75 19.14 -3.16
C ARG B 341 -34.06 18.80 -4.61
N LEU B 342 -33.37 17.81 -5.20
CA LEU B 342 -33.59 17.39 -6.61
C LEU B 342 -34.82 16.46 -6.66
N GLY B 343 -34.86 15.48 -5.77
CA GLY B 343 -35.84 14.38 -5.77
C GLY B 343 -35.34 13.19 -6.55
N VAL B 344 -35.96 12.03 -6.39
CA VAL B 344 -35.59 10.78 -7.11
C VAL B 344 -35.81 11.02 -8.61
N GLY B 345 -36.95 11.63 -8.96
CA GLY B 345 -37.28 12.01 -10.34
C GLY B 345 -36.08 12.60 -11.08
N LYS B 346 -35.60 13.77 -10.62
CA LYS B 346 -34.57 14.60 -11.33
C LYS B 346 -33.17 13.98 -11.17
N MET B 347 -32.87 13.37 -10.04
CA MET B 347 -31.56 12.70 -9.82
C MET B 347 -31.37 11.67 -10.94
N TYR B 348 -32.34 10.78 -11.15
N TYR B 348 -32.34 10.76 -11.08
CA TYR B 348 -32.20 9.63 -12.08
CA TYR B 348 -32.37 9.65 -12.07
C TYR B 348 -32.19 10.12 -13.52
C TYR B 348 -32.11 10.20 -13.47
N ASP B 349 -32.89 11.22 -13.84
CA ASP B 349 -32.82 11.88 -15.18
C ASP B 349 -31.38 12.35 -15.47
N TYR B 350 -30.71 12.94 -14.47
CA TYR B 350 -29.36 13.53 -14.62
C TYR B 350 -28.31 12.41 -14.77
N ILE B 351 -28.37 11.42 -13.88
CA ILE B 351 -27.55 10.16 -13.97
C ILE B 351 -27.64 9.57 -15.38
N GLU B 352 -28.86 9.40 -15.93
CA GLU B 352 -29.13 8.85 -17.28
C GLU B 352 -28.54 9.78 -18.34
N SER B 353 -28.82 11.09 -18.22
CA SER B 353 -28.37 12.17 -19.14
C SER B 353 -26.83 12.17 -19.22
N PHE B 354 -26.14 11.91 -18.12
CA PHE B 354 -24.65 11.82 -18.04
C PHE B 354 -24.14 10.49 -18.62
N GLY B 355 -25.06 9.60 -18.99
CA GLY B 355 -24.77 8.35 -19.74
C GLY B 355 -24.48 7.19 -18.80
N LEU B 356 -24.85 7.31 -17.52
CA LEU B 356 -24.35 6.39 -16.46
C LEU B 356 -25.24 5.15 -16.33
N MET B 357 -26.28 5.03 -17.16
CA MET B 357 -27.23 3.89 -17.13
C MET B 357 -27.14 3.10 -18.44
N ASP B 358 -26.42 3.65 -19.42
CA ASP B 358 -26.30 3.13 -20.81
C ASP B 358 -24.81 2.92 -21.11
N LYS B 359 -24.52 1.96 -21.99
CA LYS B 359 -23.21 1.82 -22.65
C LYS B 359 -22.83 3.19 -23.22
N THR B 360 -21.54 3.51 -23.24
CA THR B 360 -20.93 4.70 -23.90
C THR B 360 -20.90 4.48 -25.42
N GLY B 361 -20.83 3.22 -25.87
CA GLY B 361 -20.60 2.91 -27.29
C GLY B 361 -19.14 3.13 -27.70
N ILE B 362 -18.21 3.10 -26.76
CA ILE B 362 -16.77 3.01 -27.12
C ILE B 362 -16.58 1.87 -28.14
N ASP B 363 -15.70 2.08 -29.12
CA ASP B 363 -15.39 1.13 -30.21
C ASP B 363 -14.32 0.15 -29.72
N LEU B 364 -14.58 -0.51 -28.59
CA LEU B 364 -13.85 -1.71 -28.10
C LEU B 364 -14.89 -2.77 -27.79
N PRO B 365 -14.54 -4.08 -27.80
CA PRO B 365 -15.50 -5.15 -27.53
C PRO B 365 -15.83 -5.31 -26.03
N GLY B 366 -16.97 -5.91 -25.73
CA GLY B 366 -17.31 -6.45 -24.39
C GLY B 366 -17.63 -5.37 -23.37
N GLU B 367 -18.16 -4.23 -23.81
CA GLU B 367 -18.56 -3.14 -22.89
C GLU B 367 -19.72 -3.62 -22.00
N ALA B 368 -19.62 -3.40 -20.68
CA ALA B 368 -20.67 -3.73 -19.69
C ALA B 368 -21.79 -2.68 -19.70
N LYS B 369 -23.06 -3.10 -19.76
CA LYS B 369 -24.25 -2.20 -19.63
C LYS B 369 -24.32 -1.60 -18.22
N GLY B 370 -24.26 -2.45 -17.19
CA GLY B 370 -24.25 -2.06 -15.77
C GLY B 370 -25.57 -2.36 -15.07
N ILE B 371 -25.60 -2.22 -13.75
CA ILE B 371 -26.73 -2.61 -12.85
C ILE B 371 -27.91 -1.66 -13.11
N ASN B 377 -36.58 1.92 -5.10
CA ASN B 377 -36.17 0.62 -4.49
C ASN B 377 -36.03 0.79 -2.97
N VAL B 378 -35.41 1.88 -2.49
CA VAL B 378 -35.21 2.16 -1.03
C VAL B 378 -35.59 3.63 -0.68
N GLY B 379 -36.36 4.31 -1.54
CA GLY B 379 -37.03 5.60 -1.24
C GLY B 379 -36.07 6.77 -1.06
N PRO B 380 -36.31 7.69 -0.09
CA PRO B 380 -35.37 8.77 0.23
C PRO B 380 -34.01 8.36 0.83
N VAL B 381 -33.86 7.10 1.27
CA VAL B 381 -32.62 6.56 1.91
C VAL B 381 -31.60 6.17 0.82
N GLU B 382 -32.05 5.46 -0.23
CA GLU B 382 -31.21 5.15 -1.42
C GLU B 382 -30.81 6.48 -2.09
N LEU B 383 -31.78 7.36 -2.34
CA LEU B 383 -31.54 8.72 -2.90
C LEU B 383 -30.39 9.39 -2.15
N ALA B 384 -30.36 9.26 -0.82
CA ALA B 384 -29.39 9.93 0.06
C ALA B 384 -27.99 9.39 -0.21
N THR B 385 -27.85 8.07 -0.27
CA THR B 385 -26.56 7.34 -0.42
C THR B 385 -26.04 7.53 -1.86
N ILE B 386 -26.91 7.35 -2.85
CA ILE B 386 -26.64 7.60 -4.29
C ILE B 386 -25.97 8.97 -4.47
N SER B 387 -26.38 9.99 -3.70
CA SER B 387 -25.89 11.39 -3.81
C SER B 387 -24.36 11.49 -3.72
N PHE B 388 -23.67 10.50 -3.13
CA PHE B 388 -22.18 10.41 -3.08
C PHE B 388 -21.71 9.00 -3.47
N GLY B 389 -22.32 8.43 -4.51
CA GLY B 389 -21.72 7.40 -5.38
C GLY B 389 -21.68 6.00 -4.77
N GLN B 390 -22.53 5.74 -3.77
CA GLN B 390 -22.68 4.40 -3.17
C GLN B 390 -24.02 3.81 -3.61
N SER B 391 -24.10 2.48 -3.66
CA SER B 391 -25.26 1.67 -4.16
C SER B 391 -25.55 2.02 -5.62
N ILE B 392 -24.52 2.48 -6.34
CA ILE B 392 -24.53 2.78 -7.80
C ILE B 392 -23.20 2.28 -8.37
N SER B 393 -23.27 1.54 -9.48
CA SER B 393 -22.12 0.89 -10.15
C SER B 393 -21.99 1.48 -11.55
N VAL B 394 -20.75 1.74 -11.98
CA VAL B 394 -20.45 2.28 -13.34
C VAL B 394 -19.20 1.59 -13.88
N THR B 395 -18.97 1.67 -15.19
CA THR B 395 -17.63 1.35 -15.77
C THR B 395 -16.71 2.56 -15.61
N PRO B 396 -15.38 2.37 -15.56
CA PRO B 396 -14.46 3.49 -15.66
C PRO B 396 -14.75 4.35 -16.91
N ILE B 397 -15.06 3.74 -18.05
CA ILE B 397 -15.33 4.55 -19.28
C ILE B 397 -16.61 5.39 -19.14
N GLN B 398 -17.69 4.88 -18.54
CA GLN B 398 -18.90 5.70 -18.23
C GLN B 398 -18.52 6.95 -17.42
N LEU B 399 -17.78 6.74 -16.33
CA LEU B 399 -17.45 7.81 -15.36
C LEU B 399 -16.57 8.87 -16.04
N ILE B 400 -15.46 8.50 -16.67
CA ILE B 400 -14.56 9.52 -17.28
C ILE B 400 -15.33 10.27 -18.37
N THR B 401 -16.23 9.57 -19.09
CA THR B 401 -17.04 10.20 -20.16
C THR B 401 -17.97 11.23 -19.51
N ALA B 402 -18.61 10.87 -18.39
CA ALA B 402 -19.52 11.79 -17.64
C ALA B 402 -18.74 13.02 -17.17
N ILE B 403 -17.55 12.84 -16.57
CA ILE B 403 -16.70 13.94 -16.01
C ILE B 403 -16.18 14.80 -17.16
N SER B 404 -15.85 14.18 -18.29
CA SER B 404 -15.39 14.86 -19.53
C SER B 404 -16.44 15.85 -20.01
N SER B 405 -17.74 15.55 -19.87
CA SER B 405 -18.86 16.42 -20.30
C SER B 405 -18.87 17.65 -19.41
N ILE B 406 -18.51 17.50 -18.14
CA ILE B 406 -18.41 18.65 -17.20
C ILE B 406 -17.25 19.55 -17.62
N ALA B 407 -16.17 18.97 -18.15
CA ALA B 407 -14.93 19.66 -18.54
C ALA B 407 -15.00 20.23 -19.97
N ASN B 408 -16.09 20.02 -20.71
CA ASN B 408 -16.24 20.38 -22.15
C ASN B 408 -17.49 21.27 -22.34
N GLY B 409 -17.72 22.25 -21.46
CA GLY B 409 -18.90 23.16 -21.50
C GLY B 409 -20.23 22.43 -21.44
N GLY B 410 -20.24 21.20 -20.94
CA GLY B 410 -21.45 20.40 -20.67
C GLY B 410 -21.81 19.42 -21.78
N ASP B 411 -20.93 19.22 -22.77
CA ASP B 411 -21.22 18.32 -23.93
C ASP B 411 -20.72 16.90 -23.64
N LEU B 412 -21.63 15.94 -23.48
CA LEU B 412 -21.32 14.49 -23.45
C LEU B 412 -20.90 14.06 -24.85
N MET B 413 -19.73 13.43 -24.99
CA MET B 413 -19.17 12.99 -26.28
C MET B 413 -19.15 11.46 -26.31
N GLN B 414 -19.29 10.85 -27.48
CA GLN B 414 -19.04 9.39 -27.62
C GLN B 414 -17.52 9.19 -27.54
N PRO B 415 -17.02 8.40 -26.57
CA PRO B 415 -15.59 8.11 -26.51
C PRO B 415 -15.21 7.18 -27.67
N ARG B 416 -13.98 7.27 -28.14
N ARG B 416 -13.97 7.28 -28.13
CA ARG B 416 -13.47 6.49 -29.29
CA ARG B 416 -13.45 6.55 -29.32
C ARG B 416 -11.98 6.26 -29.12
C ARG B 416 -11.96 6.27 -29.13
N VAL B 417 -11.49 5.12 -29.64
CA VAL B 417 -10.03 4.79 -29.68
C VAL B 417 -9.52 4.96 -31.11
N VAL B 418 -10.41 4.99 -32.10
CA VAL B 418 -10.05 5.11 -33.54
C VAL B 418 -10.43 6.50 -34.06
N LYS B 419 -9.43 7.27 -34.46
CA LYS B 419 -9.51 8.67 -34.92
C LYS B 419 -9.58 8.65 -36.46
N SER B 420 -8.80 7.81 -37.15
CA SER B 420 -8.70 7.85 -38.62
C SER B 420 -8.62 6.45 -39.21
N TYR B 421 -8.90 6.34 -40.51
CA TYR B 421 -8.61 5.14 -41.34
C TYR B 421 -7.47 5.48 -42.31
N THR B 422 -6.64 4.51 -42.65
CA THR B 422 -5.59 4.64 -43.68
C THR B 422 -5.81 3.61 -44.79
N ASP B 423 -5.06 3.76 -45.88
CA ASP B 423 -4.97 2.75 -46.97
C ASP B 423 -3.92 1.73 -46.53
N ASN B 424 -3.44 0.85 -47.41
CA ASN B 424 -2.46 -0.21 -47.08
C ASN B 424 -1.03 0.33 -47.22
N LYS B 425 -0.87 1.64 -47.46
CA LYS B 425 0.45 2.30 -47.65
C LYS B 425 0.69 3.37 -46.58
N GLY B 426 -0.22 3.52 -45.62
CA GLY B 426 -0.04 4.44 -44.49
C GLY B 426 -0.52 5.85 -44.78
N ASN B 427 -1.33 6.05 -45.82
CA ASN B 427 -1.98 7.36 -46.13
C ASN B 427 -3.36 7.41 -45.45
N ILE B 428 -3.67 8.50 -44.74
CA ILE B 428 -5.00 8.73 -44.11
C ILE B 428 -6.05 8.96 -45.22
N THR B 429 -7.21 8.31 -45.12
CA THR B 429 -8.25 8.36 -46.19
C THR B 429 -9.47 9.12 -45.65
N GLU B 430 -9.76 8.95 -44.36
CA GLU B 430 -10.97 9.45 -43.64
C GLU B 430 -10.61 9.68 -42.17
N THR B 431 -11.14 10.73 -41.57
CA THR B 431 -11.01 11.00 -40.13
C THR B 431 -12.41 10.87 -39.54
N VAL B 432 -12.52 10.22 -38.38
CA VAL B 432 -13.79 10.02 -37.65
C VAL B 432 -14.10 11.36 -36.97
N LYS B 433 -15.31 11.87 -37.16
CA LYS B 433 -15.73 13.16 -36.59
C LYS B 433 -16.02 13.01 -35.10
N PRO B 434 -15.70 14.01 -34.25
CA PRO B 434 -16.10 13.96 -32.85
C PRO B 434 -17.64 13.97 -32.83
N LYS B 435 -18.22 13.11 -32.01
CA LYS B 435 -19.69 12.94 -31.97
C LYS B 435 -20.27 13.38 -30.62
N LYS B 436 -20.96 14.51 -30.62
CA LYS B 436 -21.67 15.02 -29.42
C LYS B 436 -22.93 14.17 -29.26
N VAL B 437 -23.19 13.71 -28.05
CA VAL B 437 -24.35 12.84 -27.74
C VAL B 437 -25.49 13.76 -27.28
N ARG B 438 -25.19 14.67 -26.36
CA ARG B 438 -26.15 15.71 -25.93
C ARG B 438 -25.41 16.70 -25.03
N SER B 439 -26.02 17.88 -24.83
CA SER B 439 -25.74 18.78 -23.69
C SER B 439 -26.45 18.26 -22.45
N VAL B 440 -25.68 17.97 -21.39
CA VAL B 440 -26.18 17.52 -20.05
C VAL B 440 -26.33 18.75 -19.13
N ILE B 441 -25.46 19.75 -19.27
CA ILE B 441 -25.49 20.94 -18.38
C ILE B 441 -25.14 22.16 -19.24
N SER B 442 -25.30 23.36 -18.69
CA SER B 442 -24.97 24.64 -19.36
C SER B 442 -23.47 24.93 -19.23
N LYS B 443 -22.94 25.72 -20.16
CA LYS B 443 -21.58 26.30 -20.14
C LYS B 443 -21.38 26.99 -18.79
N GLU B 444 -22.45 27.59 -18.24
CA GLU B 444 -22.45 28.28 -16.93
C GLU B 444 -22.14 27.27 -15.81
N THR B 445 -22.94 26.21 -15.68
CA THR B 445 -22.79 25.11 -14.69
C THR B 445 -21.41 24.45 -14.88
N SER B 446 -21.04 24.18 -16.13
CA SER B 446 -19.69 23.67 -16.50
C SER B 446 -18.59 24.58 -15.92
N LYS B 447 -18.62 25.89 -16.14
CA LYS B 447 -17.62 26.84 -15.58
C LYS B 447 -17.61 26.84 -14.05
N LYS B 448 -18.76 26.74 -13.40
CA LYS B 448 -18.82 26.74 -11.92
C LYS B 448 -18.18 25.46 -11.40
N MET B 449 -18.48 24.34 -12.04
CA MET B 449 -17.98 23.02 -11.60
C MET B 449 -16.46 22.96 -11.80
N LEU B 450 -15.92 23.59 -12.83
CA LEU B 450 -14.46 23.59 -13.11
C LEU B 450 -13.72 24.45 -12.08
N GLU B 451 -14.37 25.52 -11.60
CA GLU B 451 -13.86 26.42 -10.53
C GLU B 451 -13.83 25.62 -9.22
N ILE B 452 -14.89 24.88 -8.91
CA ILE B 452 -14.95 24.02 -7.69
C ILE B 452 -13.89 22.90 -7.79
N ALA B 453 -13.78 22.22 -8.95
CA ALA B 453 -12.87 21.07 -9.13
C ALA B 453 -11.45 21.55 -8.86
N GLU B 454 -11.10 22.73 -9.35
CA GLU B 454 -9.74 23.30 -9.15
C GLU B 454 -9.54 23.55 -7.66
N SER B 455 -10.59 24.01 -6.97
CA SER B 455 -10.49 24.35 -5.52
C SER B 455 -10.30 23.07 -4.70
N VAL B 456 -10.82 21.92 -5.16
CA VAL B 456 -10.62 20.61 -4.46
C VAL B 456 -9.11 20.32 -4.41
N VAL B 457 -8.37 20.66 -5.47
CA VAL B 457 -6.93 20.30 -5.59
C VAL B 457 -6.08 21.42 -4.96
N THR B 458 -6.53 22.66 -5.02
CA THR B 458 -5.77 23.81 -4.48
C THR B 458 -5.99 23.90 -2.97
N GLU B 459 -7.18 23.59 -2.47
CA GLU B 459 -7.56 23.86 -1.05
C GLU B 459 -8.01 22.61 -0.31
N GLY B 460 -8.40 21.53 -1.00
CA GLY B 460 -9.20 20.46 -0.37
C GLY B 460 -8.53 19.11 -0.48
N GLY B 461 -9.34 18.05 -0.56
CA GLY B 461 -8.95 16.64 -0.42
C GLY B 461 -8.10 16.15 -1.57
N GLY B 462 -7.94 16.95 -2.62
CA GLY B 462 -7.17 16.62 -3.84
C GLY B 462 -5.79 17.24 -3.84
N LYS B 463 -5.40 17.93 -2.77
CA LYS B 463 -4.10 18.67 -2.63
C LYS B 463 -2.89 17.83 -3.04
N ILE B 464 -2.88 16.52 -2.79
CA ILE B 464 -1.75 15.62 -3.14
C ILE B 464 -1.35 15.88 -4.61
N ALA B 465 -2.34 16.20 -5.44
CA ALA B 465 -2.18 16.21 -6.90
C ALA B 465 -1.82 17.60 -7.39
N TYR B 466 -1.68 18.57 -6.48
CA TYR B 466 -1.47 19.99 -6.83
C TYR B 466 -0.17 20.10 -7.63
N ILE B 467 -0.23 20.72 -8.80
CA ILE B 467 0.97 21.08 -9.60
C ILE B 467 0.96 22.59 -9.83
N PRO B 468 1.99 23.32 -9.34
CA PRO B 468 2.06 24.77 -9.58
C PRO B 468 2.03 25.10 -11.08
N GLY B 469 1.15 26.02 -11.49
CA GLY B 469 1.08 26.55 -12.87
C GLY B 469 0.08 25.84 -13.78
N TYR B 470 -0.34 24.63 -13.40
CA TYR B 470 -1.13 23.73 -14.28
C TYR B 470 -2.63 23.65 -14.01
N ARG B 471 -3.12 24.29 -12.95
CA ARG B 471 -4.59 24.42 -12.72
C ARG B 471 -5.31 23.07 -12.76
N LEU B 472 -4.80 22.10 -12.02
CA LEU B 472 -5.48 20.79 -11.94
C LEU B 472 -6.70 20.93 -11.03
N GLY B 473 -7.77 20.25 -11.39
CA GLY B 473 -8.95 20.05 -10.53
C GLY B 473 -9.31 18.59 -10.53
N GLY B 474 -10.23 18.19 -9.65
CA GLY B 474 -10.60 16.78 -9.54
C GLY B 474 -11.28 16.48 -8.22
N LYS B 475 -11.45 15.19 -7.97
CA LYS B 475 -12.12 14.67 -6.77
C LYS B 475 -11.63 13.26 -6.51
N THR B 476 -11.47 12.94 -5.24
CA THR B 476 -11.03 11.64 -4.70
C THR B 476 -12.29 10.86 -4.39
N GLY B 477 -12.20 9.54 -4.44
CA GLY B 477 -13.22 8.60 -4.02
C GLY B 477 -12.55 7.47 -3.26
N THR B 478 -13.21 7.01 -2.20
CA THR B 478 -12.91 5.73 -1.50
C THR B 478 -14.23 5.00 -1.28
N ALA B 479 -14.33 3.74 -1.73
CA ALA B 479 -15.53 2.89 -1.61
C ALA B 479 -15.14 1.51 -1.07
N GLN B 480 -16.09 0.84 -0.41
CA GLN B 480 -15.92 -0.59 -0.05
C GLN B 480 -16.31 -1.40 -1.30
N LYS B 481 -15.60 -2.48 -1.55
CA LYS B 481 -15.71 -3.29 -2.79
C LYS B 481 -17.01 -4.10 -2.69
N VAL B 482 -17.92 -3.92 -3.68
CA VAL B 482 -19.11 -4.80 -3.88
C VAL B 482 -18.64 -6.06 -4.61
N ILE B 483 -18.76 -7.23 -3.98
CA ILE B 483 -18.48 -8.55 -4.60
C ILE B 483 -19.77 -9.40 -4.56
N ASP B 484 -20.35 -9.66 -5.74
CA ASP B 484 -21.60 -10.46 -5.94
C ASP B 484 -22.77 -9.81 -5.17
N GLY B 485 -22.62 -8.53 -4.85
CA GLY B 485 -23.69 -7.79 -4.13
C GLY B 485 -23.42 -7.60 -2.65
N LYS B 486 -22.30 -8.08 -2.11
CA LYS B 486 -22.08 -7.84 -0.66
C LYS B 486 -20.73 -7.16 -0.38
N TYR B 487 -20.76 -6.10 0.44
CA TYR B 487 -19.53 -5.33 0.79
C TYR B 487 -18.59 -6.24 1.60
N ALA B 488 -17.28 -6.12 1.36
CA ALA B 488 -16.25 -6.97 2.01
C ALA B 488 -15.67 -6.32 3.26
N PRO B 489 -14.50 -6.80 3.75
CA PRO B 489 -13.77 -6.25 4.88
C PRO B 489 -12.30 -6.00 4.52
N GLY B 490 -11.86 -4.75 4.57
CA GLY B 490 -10.46 -4.47 4.19
C GLY B 490 -10.27 -4.50 2.68
N LYS B 491 -11.36 -4.35 1.93
CA LYS B 491 -11.34 -4.37 0.45
C LYS B 491 -11.91 -3.04 -0.03
N TYR B 492 -11.04 -2.14 -0.47
CA TYR B 492 -11.50 -0.83 -1.02
C TYR B 492 -11.03 -0.67 -2.47
N ILE B 493 -11.86 0.01 -3.26
CA ILE B 493 -11.51 0.65 -4.56
C ILE B 493 -11.33 2.15 -4.30
N CYS B 494 -10.13 2.67 -4.54
CA CYS B 494 -9.78 4.11 -4.40
C CYS B 494 -9.55 4.72 -5.79
N SER B 495 -10.02 5.93 -5.98
CA SER B 495 -10.00 6.60 -7.31
C SER B 495 -9.73 8.09 -7.14
N PHE B 496 -9.26 8.65 -8.24
CA PHE B 496 -8.99 10.09 -8.38
C PHE B 496 -9.25 10.42 -9.84
N VAL B 497 -10.17 11.35 -10.07
CA VAL B 497 -10.40 11.93 -11.42
C VAL B 497 -9.76 13.31 -11.42
N GLY B 498 -8.88 13.56 -12.38
CA GLY B 498 -8.24 14.86 -12.61
C GLY B 498 -8.66 15.50 -13.93
N ILE B 499 -8.75 16.81 -13.94
CA ILE B 499 -9.09 17.66 -15.11
C ILE B 499 -8.05 18.78 -15.15
N ALA B 500 -7.40 19.03 -16.30
CA ALA B 500 -6.38 20.10 -16.44
C ALA B 500 -6.28 20.58 -17.89
N PRO B 501 -5.92 21.86 -18.13
CA PRO B 501 -6.05 22.92 -17.12
C PRO B 501 -7.55 23.26 -16.95
N CYS B 502 -8.00 23.59 -15.74
CA CYS B 502 -9.45 23.81 -15.44
C CYS B 502 -10.01 25.05 -16.16
N ASP B 503 -9.17 26.03 -16.53
CA ASP B 503 -9.60 27.23 -17.32
C ASP B 503 -9.73 26.91 -18.81
N ASP B 504 -9.16 25.79 -19.29
CA ASP B 504 -9.39 25.31 -20.69
C ASP B 504 -9.03 23.82 -20.78
N PRO B 505 -9.91 22.92 -20.32
CA PRO B 505 -9.52 21.51 -20.11
C PRO B 505 -9.10 20.79 -21.39
N GLN B 506 -7.90 20.20 -21.39
CA GLN B 506 -7.32 19.49 -22.56
C GLN B 506 -7.15 17.99 -22.27
N ILE B 507 -7.25 17.58 -21.02
CA ILE B 507 -7.05 16.16 -20.61
C ILE B 507 -7.83 15.91 -19.31
N VAL B 508 -8.49 14.77 -19.27
CA VAL B 508 -9.15 14.23 -18.07
C VAL B 508 -8.49 12.87 -17.87
N VAL B 509 -8.11 12.57 -16.64
CA VAL B 509 -7.49 11.29 -16.19
C VAL B 509 -8.28 10.72 -15.01
N LEU B 510 -8.80 9.51 -15.20
CA LEU B 510 -9.37 8.67 -14.14
C LEU B 510 -8.34 7.58 -13.80
N ALA B 511 -7.86 7.57 -12.55
CA ALA B 511 -7.01 6.50 -11.98
C ALA B 511 -7.80 5.78 -10.87
N ILE B 512 -7.77 4.45 -10.93
CA ILE B 512 -8.51 3.54 -10.02
C ILE B 512 -7.52 2.50 -9.51
N VAL B 513 -7.33 2.46 -8.19
CA VAL B 513 -6.50 1.45 -7.47
C VAL B 513 -7.48 0.50 -6.80
N ASP B 514 -7.56 -0.73 -7.30
CA ASP B 514 -8.55 -1.75 -6.85
C ASP B 514 -7.88 -2.65 -5.80
N GLU B 515 -8.36 -2.61 -4.54
CA GLU B 515 -7.85 -3.42 -3.39
C GLU B 515 -6.38 -3.10 -3.11
N PRO B 516 -6.03 -1.87 -2.75
CA PRO B 516 -4.68 -1.61 -2.30
C PRO B 516 -4.48 -2.48 -1.05
N THR B 517 -3.25 -2.98 -0.82
CA THR B 517 -2.91 -3.95 0.26
C THR B 517 -1.69 -3.46 1.03
N GLY B 518 -1.81 -3.35 2.36
CA GLY B 518 -0.71 -3.01 3.27
C GLY B 518 -0.49 -1.51 3.37
N VAL B 519 -1.38 -0.75 2.77
CA VAL B 519 -1.20 0.73 2.77
C VAL B 519 -2.54 1.38 3.06
N SER B 520 -2.47 2.63 3.49
CA SER B 520 -3.63 3.51 3.71
C SER B 520 -4.47 3.53 2.41
N ALA B 521 -5.73 3.10 2.50
CA ALA B 521 -6.67 2.93 1.37
C ALA B 521 -7.49 4.20 1.17
N PHE B 522 -6.91 5.26 0.62
CA PHE B 522 -7.66 6.48 0.23
C PHE B 522 -7.34 6.90 -1.21
N GLY B 523 -8.33 7.47 -1.88
CA GLY B 523 -8.15 8.04 -3.24
C GLY B 523 -6.90 8.91 -3.29
N SER B 524 -6.75 9.81 -2.33
CA SER B 524 -5.70 10.85 -2.36
C SER B 524 -4.33 10.16 -2.40
N THR B 525 -4.03 9.25 -1.46
CA THR B 525 -2.67 8.66 -1.26
C THR B 525 -2.36 7.60 -2.32
N THR B 526 -3.35 6.81 -2.78
CA THR B 526 -3.14 5.66 -3.71
C THR B 526 -3.30 6.13 -5.17
N ALA B 527 -4.38 6.82 -5.51
CA ALA B 527 -4.74 7.21 -6.90
C ALA B 527 -4.27 8.64 -7.23
N GLY B 528 -4.17 9.52 -6.24
CA GLY B 528 -3.74 10.91 -6.42
C GLY B 528 -2.36 11.03 -7.06
N PRO B 529 -1.32 10.28 -6.60
CA PRO B 529 0.00 10.35 -7.24
C PRO B 529 0.02 9.84 -8.70
N ILE B 530 -0.91 8.96 -9.07
CA ILE B 530 -1.00 8.44 -10.46
C ILE B 530 -1.45 9.59 -11.37
N VAL B 531 -2.50 10.27 -10.98
CA VAL B 531 -3.05 11.40 -11.78
C VAL B 531 -2.00 12.51 -11.87
N LYS B 532 -1.41 12.87 -10.73
CA LYS B 532 -0.34 13.91 -10.67
C LYS B 532 0.78 13.61 -11.68
N GLU B 533 1.28 12.39 -11.69
CA GLU B 533 2.38 11.94 -12.58
C GLU B 533 1.98 12.07 -14.06
N ILE B 534 0.84 11.52 -14.41
CA ILE B 534 0.31 11.52 -15.81
C ILE B 534 0.09 12.97 -16.22
N MET B 535 -0.56 13.76 -15.36
CA MET B 535 -0.85 15.19 -15.64
C MET B 535 0.46 15.94 -15.85
N ASN B 536 1.40 15.79 -14.92
CA ASN B 536 2.72 16.47 -15.01
C ASN B 536 3.37 16.23 -16.38
N ASP B 537 3.59 14.96 -16.75
CA ASP B 537 4.26 14.52 -18.00
C ASP B 537 3.38 14.93 -19.20
N SER B 538 2.07 14.68 -19.13
CA SER B 538 1.18 14.85 -20.31
C SER B 538 0.96 16.34 -20.63
N LEU B 539 0.73 17.20 -19.63
CA LEU B 539 0.52 18.65 -19.85
C LEU B 539 1.76 19.29 -20.53
N LYS B 540 2.97 18.92 -20.15
CA LYS B 540 4.22 19.46 -20.76
C LYS B 540 4.29 19.01 -22.23
N TYR B 541 4.07 17.72 -22.48
CA TYR B 541 4.08 17.13 -23.84
C TYR B 541 3.00 17.78 -24.69
N LEU B 542 1.85 18.10 -24.09
CA LEU B 542 0.71 18.67 -24.86
C LEU B 542 1.00 20.15 -25.15
N GLY B 543 2.06 20.68 -24.52
CA GLY B 543 2.51 22.08 -24.71
C GLY B 543 1.62 23.06 -23.98
N VAL B 544 1.01 22.65 -22.87
CA VAL B 544 0.20 23.57 -22.02
C VAL B 544 1.17 24.49 -21.29
N LYS B 545 0.98 25.80 -21.44
CA LYS B 545 1.83 26.85 -20.83
C LYS B 545 1.45 26.99 -19.35
N PRO B 546 2.44 27.00 -18.44
CA PRO B 546 2.15 27.27 -17.03
C PRO B 546 1.68 28.72 -16.88
N VAL B 547 0.70 28.95 -16.01
CA VAL B 547 0.23 30.28 -15.54
C VAL B 547 0.44 30.31 -14.03
N TYR B 548 1.41 31.11 -13.56
N TYR B 548 1.47 31.06 -13.59
CA TYR B 548 1.68 31.41 -12.12
CA TYR B 548 2.10 31.10 -12.25
C TYR B 548 0.98 32.72 -11.74
C TYR B 548 2.16 29.70 -11.63
S SO4 C . -7.97 -13.57 25.67
O1 SO4 C . -8.53 -13.04 24.44
O2 SO4 C . -8.26 -14.99 25.80
O3 SO4 C . -6.54 -13.39 25.67
O4 SO4 C . -8.56 -12.87 26.77
S SO4 D . 15.51 -0.53 32.20
O1 SO4 D . 14.41 -1.31 31.72
O2 SO4 D . 16.70 -0.85 31.46
O3 SO4 D . 15.73 -0.81 33.59
O4 SO4 D . 15.20 0.87 32.04
N1 EPE E . -0.73 -3.58 35.64
C2 EPE E . -0.79 -3.63 37.11
C3 EPE E . 0.66 -3.56 37.58
N4 EPE E . 1.50 -4.69 37.10
C5 EPE E . 1.29 -5.00 35.64
C6 EPE E . -0.17 -4.87 35.16
C7 EPE E . 2.94 -4.55 37.52
C8 EPE E . 3.77 -3.58 36.64
O8 EPE E . 4.92 -2.89 37.16
C9 EPE E . -2.04 -3.24 35.02
C10 EPE E . -1.83 -2.27 33.84
S EPE E . -2.71 -0.86 33.86
O1S EPE E . -3.46 -0.75 32.60
O2S EPE E . -3.70 -0.82 34.97
O3S EPE E . -1.77 0.30 33.96
O POL F . 28.73 -31.38 9.12
C1 POL F . 28.84 -31.46 10.53
C2 POL F . 28.76 -30.14 11.15
C3 POL F . 28.14 -30.15 12.52
C1 PEG G . -1.78 -13.90 -0.67
O1 PEG G . -0.98 -13.40 -1.74
C2 PEG G . -2.34 -12.80 0.19
O2 PEG G . -3.72 -12.99 0.49
C3 PEG G . -4.51 -11.79 0.43
C4 PEG G . -3.67 -10.60 0.86
O4 PEG G . -4.37 -9.64 1.64
N1 EPE H . 12.49 14.89 9.62
C2 EPE H . 11.59 13.86 10.14
C3 EPE H . 12.41 12.62 10.43
N4 EPE H . 12.99 12.05 9.19
C5 EPE H . 12.82 12.95 8.01
C6 EPE H . 13.00 14.47 8.29
C7 EPE H . 14.41 11.66 9.39
C8 EPE H . 14.71 11.02 10.75
O8 EPE H . 15.65 9.93 10.70
C9 EPE H . 11.80 16.21 9.59
C10 EPE H . 11.36 16.58 11.02
S EPE H . 11.18 18.22 11.29
O1S EPE H . 11.19 18.93 9.97
O2S EPE H . 9.90 18.46 12.00
O3S EPE H . 12.29 18.67 12.20
S SO4 I . 38.43 -32.29 21.14
O1 SO4 I . 39.10 -33.57 21.25
O2 SO4 I . 37.95 -32.12 19.78
O3 SO4 I . 37.32 -32.25 22.06
O4 SO4 I . 39.37 -31.23 21.47
ZN ZN J . 22.00 -30.65 17.76
O1 ZZ7 K . 14.28 -21.37 22.30
C2 ZZ7 K . 15.08 -21.61 21.37
O2 ZZ7 K . 14.85 -21.74 20.15
C12 ZZ7 K . 16.60 -21.84 21.67
C6 ZZ7 K . 16.80 -23.23 22.37
C1 ZZ7 K . 16.57 -23.19 23.90
C16 ZZ7 K . 15.97 -24.37 21.68
S1 ZZ7 K . 18.65 -23.55 21.99
N3 ZZ7 K . 17.44 -21.85 20.32
C13 ZZ7 K . 18.83 -22.42 20.58
C14 ZZ7 K . 19.80 -21.21 21.01
C15 ZZ7 K . 19.16 -19.98 20.29
O4 ZZ7 K . 18.57 -19.12 20.95
N1 ZZ7 K . 19.88 -20.85 22.46
C3 ZZ7 K . 20.93 -21.34 23.27
O3 ZZ7 K . 21.72 -22.13 22.78
C4 ZZ7 K . 21.06 -20.91 24.85
N2 ZZ7 K . 22.49 -20.94 25.35
C5 ZZ7 K . 20.07 -21.79 25.72
C7 ZZ7 K . 19.11 -21.19 26.59
C8 ZZ7 K . 18.21 -22.00 27.34
C9 ZZ7 K . 18.28 -23.41 27.24
C10 ZZ7 K . 19.22 -24.04 26.38
C11 ZZ7 K . 20.11 -23.22 25.63
S SO4 L . -25.23 26.60 -22.90
O1 SO4 L . -26.61 26.25 -22.71
O2 SO4 L . -24.51 25.47 -23.45
O3 SO4 L . -24.66 26.96 -21.62
O4 SO4 L . -25.11 27.72 -23.79
S SO4 M . -10.56 -10.60 -12.26
O1 SO4 M . -11.69 -11.30 -12.82
O2 SO4 M . -9.76 -11.51 -11.49
O3 SO4 M . -11.04 -9.53 -11.43
O4 SO4 M . -9.75 -10.06 -13.34
S SO4 N . 8.00 -7.10 -44.32
O1 SO4 N . 6.85 -7.94 -44.02
O2 SO4 N . 8.49 -7.41 -45.63
O3 SO4 N . 9.03 -7.35 -43.33
O4 SO4 N . 7.61 -5.72 -44.24
S SO4 O . -15.82 -2.59 -38.77
O1 SO4 O . -16.53 -2.42 -40.01
O2 SO4 O . -15.16 -3.88 -38.74
O3 SO4 O . -16.74 -2.48 -37.66
O4 SO4 O . -14.84 -1.56 -38.63
S SO4 P . -15.57 -1.99 -44.50
O1 SO4 P . -16.59 -2.96 -44.79
O2 SO4 P . -14.28 -2.49 -44.93
O3 SO4 P . -15.53 -1.73 -43.09
O4 SO4 P . -15.85 -0.76 -45.21
S SO4 Q . -11.28 21.68 10.03
O1 SO4 Q . -11.21 20.66 9.02
O2 SO4 Q . -12.39 21.39 10.90
O3 SO4 Q . -10.06 21.71 10.80
O4 SO4 Q . -11.49 22.96 9.39
S SO4 R . -1.54 24.27 -2.46
O1 SO4 R . -2.00 23.70 -3.65
O2 SO4 R . -1.28 23.22 -1.54
O3 SO4 R . -2.55 25.14 -1.95
O4 SO4 R . -0.34 25.00 -2.69
ZN ZN S . -18.96 16.95 7.19
O1 ZZ7 T . -12.22 11.66 -0.81
C2 ZZ7 T . -12.16 10.51 -0.32
O2 ZZ7 T . -11.24 9.67 -0.43
C12 ZZ7 T . -13.40 10.07 0.52
C6 ZZ7 T . -13.15 10.24 2.05
C1 ZZ7 T . -12.60 11.63 2.51
C16 ZZ7 T . -12.35 9.06 2.69
S1 ZZ7 T . -14.94 10.10 2.64
N3 ZZ7 T . -14.71 10.90 0.13
C13 ZZ7 T . -15.82 10.55 1.08
C14 ZZ7 T . -16.71 9.31 0.46
C15 ZZ7 T . -16.52 9.44 -1.10
O4 ZZ7 T . -15.96 8.54 -1.75
N1 ZZ7 T . -16.29 7.93 0.88
C3 ZZ7 T . -17.01 7.19 1.88
O3 ZZ7 T . -17.98 7.67 2.45
C4 ZZ7 T . -16.53 5.73 2.34
N2 ZZ7 T . -17.67 5.04 2.99
C5 ZZ7 T . -15.32 5.83 3.37
C7 ZZ7 T . -15.47 6.54 4.61
C8 ZZ7 T . -14.39 6.63 5.53
C9 ZZ7 T . -13.14 6.00 5.24
C10 ZZ7 T . -12.97 5.29 4.02
C11 ZZ7 T . -14.06 5.20 3.09
#